data_5CCX
#
_entry.id   5CCX
#
_cell.length_a   136.770
_cell.length_b   136.770
_cell.length_c   177.160
_cell.angle_alpha   90.00
_cell.angle_beta   90.00
_cell.angle_gamma   90.00
#
_symmetry.space_group_name_H-M   'P 43 21 2'
#
loop_
_entity.id
_entity.type
_entity.pdbx_description
1 polymer 'tRNA (adenine(58)-N(1))-methyltransferase catalytic subunit TRMT61A'
2 polymer 'tRNA (adenine(58)-N(1))-methyltransferase non-catalytic subunit TRM6'
3 polymer tRNA3Lys
4 non-polymer S-ADENOSYL-L-HOMOCYSTEINE
5 non-polymer 'SODIUM ION'
6 water water
#
loop_
_entity_poly.entity_id
_entity_poly.type
_entity_poly.pdbx_seq_one_letter_code
_entity_poly.pdbx_strand_id
1 'polypeptide(L)'
;MSFVAYEELIKEGDTAILSLGHGAMVAVRVQRGAQTQTRHGVLRHSVDLIGRPFGSKVTCGRGGWVYVLHPTPELWTLNL
PHRTQILYSTDIALITMMLELRPGSVVCESGTGSGSVSHAIIRTIAPTGHLHTVEFHQQRAEKAREEFQEHRVGRWVTVR
TQDVCRSGFGVSHVADAVFLDIPSPWEAVGHAWDALKVEGGRFCSFSPCIEQVQRTCQALAARGFSELSTLEVLPQVYNV
RTVSLPPPDLGTGTDGPAGSDTSPFRSGTPMKEAVGHTGYLTFATKTPG
;
A
2 'polypeptide(L)'
;MEGSGEQPGPQPQHPGDHRIRDGDFVVLKREDVFKAVQVQRRKKVTFEKQWFYLDNVIGHSYGTAFEVTSGGSLQPKKKR
EEPTAETKEAGTDNRNIVDDGKSQKLTQDDIKALKDKGIKGEEIVQQLIENSTTFRDKTEFAQDKYIKKKKKKYEAIITV
VKPSTRILSIMYYAREPGKINHMRYDTLAQMLTLGNIRAGNKMIVMETCAGLVLGAMMERMGGFGSIIQLYPGGGPVRAA
TACFGFPKSFLSGLYEFPLNKVDSLLHGTFSAKMLSSEPKDSALVEESNGTLEEKQASEQENEDSMAEAPESNHPEDQET
METISQDPEHKGPKERGSKKDYIQEKQRRQEEQRKRHLEAAALLSERNADGLIVASRFHPTPLLLSLLDFVAPSRPFVVY
CQYKEPLLECYTKLRERGGVINLRLSETWLRNYQVLPDRSHPKLLMSGGGGYLLSGFTVAMDNLKADTSLKSNASTLESH
ETEEPAAKKRKCPESDS
;
B
3 'polyribonucleotide'
;GGCCCGGAUAGCUCAGUCGGUAGAGCAUCAGACUUUUAAUCUGAGGGUCCAGGGUUCA(1MA)GUCCCUGUUCGGGCGCC
A
;
N
#
loop_
_chem_comp.id
_chem_comp.type
_chem_comp.name
_chem_comp.formula
1MA RNA linking 6-HYDRO-1-METHYLADENOSINE-5'-MONOPHOSPHATE 'C11 H16 N5 O7 P'
A RNA linking ADENOSINE-5'-MONOPHOSPHATE 'C10 H14 N5 O7 P'
C RNA linking CYTIDINE-5'-MONOPHOSPHATE 'C9 H14 N3 O8 P'
G RNA linking GUANOSINE-5'-MONOPHOSPHATE 'C10 H14 N5 O8 P'
NA non-polymer 'SODIUM ION' 'Na 1'
U RNA linking URIDINE-5'-MONOPHOSPHATE 'C9 H13 N2 O9 P'
#
# COMPACT_ATOMS: atom_id res chain seq x y z
N MET A 1 -3.14 18.61 -16.51
CA MET A 1 -1.72 18.45 -16.09
C MET A 1 -1.44 19.47 -15.00
N SER A 2 -0.30 19.36 -14.32
CA SER A 2 0.72 18.36 -14.59
C SER A 2 0.34 17.01 -14.03
N PHE A 3 1.18 16.02 -14.31
CA PHE A 3 1.07 14.70 -13.69
C PHE A 3 1.34 14.77 -12.19
N VAL A 4 2.06 15.80 -11.76
CA VAL A 4 2.50 15.90 -10.37
C VAL A 4 1.75 16.97 -9.59
N ALA A 5 0.93 17.76 -10.27
CA ALA A 5 0.16 18.78 -9.61
C ALA A 5 -1.14 19.05 -10.36
N TYR A 6 -2.23 19.13 -9.62
CA TYR A 6 -3.54 19.40 -10.21
C TYR A 6 -3.62 20.84 -10.68
N GLU A 7 -4.12 21.04 -11.89
CA GLU A 7 -4.40 22.36 -12.41
C GLU A 7 -5.86 22.43 -12.80
N GLU A 8 -6.44 23.61 -12.69
CA GLU A 8 -7.87 23.78 -12.91
C GLU A 8 -8.19 23.69 -14.39
N LEU A 9 -7.37 24.33 -15.21
CA LEU A 9 -7.70 24.52 -16.61
C LEU A 9 -6.82 23.74 -17.57
N ILE A 10 -7.43 23.34 -18.68
CA ILE A 10 -6.75 22.63 -19.73
C ILE A 10 -5.92 23.61 -20.55
N LYS A 11 -4.72 23.20 -20.92
CA LYS A 11 -3.82 24.07 -21.67
C LYS A 11 -3.07 23.24 -22.70
N GLU A 12 -2.43 23.93 -23.64
CA GLU A 12 -1.73 23.28 -24.73
C GLU A 12 -0.55 22.46 -24.20
N GLY A 13 -0.37 21.26 -24.76
CA GLY A 13 0.69 20.37 -24.33
C GLY A 13 0.20 19.41 -23.28
N ASP A 14 -0.95 19.70 -22.68
CA ASP A 14 -1.54 18.82 -21.67
C ASP A 14 -1.94 17.48 -22.28
N THR A 15 -1.75 16.42 -21.51
CA THR A 15 -2.32 15.14 -21.84
C THR A 15 -3.67 15.06 -21.14
N ALA A 16 -4.75 15.00 -21.91
CA ALA A 16 -6.09 14.93 -21.35
C ALA A 16 -6.69 13.56 -21.59
N ILE A 17 -7.51 13.10 -20.66
CA ILE A 17 -8.18 11.81 -20.78
C ILE A 17 -9.68 12.01 -21.02
N LEU A 18 -10.16 11.49 -22.14
CA LEU A 18 -11.56 11.60 -22.49
C LEU A 18 -12.31 10.34 -22.06
N SER A 19 -13.43 10.51 -21.38
CA SER A 19 -14.28 9.37 -21.05
C SER A 19 -15.41 9.27 -22.07
N LEU A 20 -15.50 8.13 -22.74
CA LEU A 20 -16.35 7.97 -23.91
C LEU A 20 -17.60 7.17 -23.59
N GLY A 21 -17.88 6.97 -22.30
CA GLY A 21 -19.01 6.19 -21.90
C GLY A 21 -18.58 4.78 -21.56
N HIS A 22 -19.38 4.11 -20.75
CA HIS A 22 -19.02 2.81 -20.19
C HIS A 22 -17.79 3.04 -19.32
N GLY A 23 -16.69 2.35 -19.61
CA GLY A 23 -15.43 2.63 -18.94
C GLY A 23 -14.38 2.98 -19.97
N ALA A 24 -14.78 3.02 -21.24
CA ALA A 24 -13.86 3.26 -22.35
C ALA A 24 -13.31 4.68 -22.28
N MET A 25 -12.05 4.84 -22.66
CA MET A 25 -11.41 6.13 -22.61
C MET A 25 -10.27 6.22 -23.60
N VAL A 26 -9.81 7.44 -23.85
CA VAL A 26 -8.71 7.67 -24.76
C VAL A 26 -7.92 8.87 -24.27
N ALA A 27 -6.60 8.81 -24.43
CA ALA A 27 -5.76 9.93 -24.03
C ALA A 27 -5.47 10.81 -25.24
N VAL A 28 -5.32 12.11 -25.01
CA VAL A 28 -5.13 13.06 -26.09
C VAL A 28 -4.08 14.10 -25.72
N ARG A 29 -3.22 14.40 -26.69
CA ARG A 29 -2.30 15.52 -26.52
C ARG A 29 -2.94 16.76 -27.11
N VAL A 30 -3.18 17.74 -26.24
CA VAL A 30 -3.88 18.96 -26.63
C VAL A 30 -2.96 19.91 -27.41
N GLN A 31 -3.33 20.19 -28.65
CA GLN A 31 -2.62 21.14 -29.49
C GLN A 31 -3.59 22.04 -30.24
N ARG A 32 -3.24 23.32 -30.38
CA ARG A 32 -4.04 24.23 -31.17
C ARG A 32 -4.17 23.70 -32.60
N GLY A 33 -5.36 23.83 -33.16
CA GLY A 33 -5.58 23.48 -34.55
C GLY A 33 -5.83 21.99 -34.72
N ALA A 34 -5.78 21.25 -33.62
CA ALA A 34 -5.90 19.80 -33.68
C ALA A 34 -7.34 19.35 -33.51
N GLN A 35 -7.63 18.16 -34.03
CA GLN A 35 -8.95 17.58 -33.93
C GLN A 35 -8.83 16.15 -33.43
N THR A 36 -9.82 15.72 -32.65
CA THR A 36 -9.87 14.34 -32.22
C THR A 36 -11.26 13.77 -32.46
N GLN A 37 -11.31 12.62 -33.14
CA GLN A 37 -12.57 11.96 -33.45
C GLN A 37 -12.92 10.91 -32.41
N THR A 38 -14.16 10.91 -31.96
CA THR A 38 -14.66 9.89 -31.06
C THR A 38 -16.02 9.41 -31.55
N ARG A 39 -16.50 8.32 -30.95
CA ARG A 39 -17.79 7.75 -31.32
C ARG A 39 -18.94 8.72 -31.05
N HIS A 40 -18.70 9.76 -30.25
CA HIS A 40 -19.73 10.74 -29.94
C HIS A 40 -19.55 12.03 -30.72
N GLY A 41 -18.59 12.07 -31.63
CA GLY A 41 -18.37 13.24 -32.45
C GLY A 41 -16.94 13.73 -32.44
N VAL A 42 -16.75 14.97 -32.87
CA VAL A 42 -15.42 15.55 -33.02
C VAL A 42 -15.12 16.56 -31.95
N LEU A 43 -13.86 16.61 -31.54
CA LEU A 43 -13.39 17.64 -30.62
C LEU A 43 -12.35 18.51 -31.28
N ARG A 44 -12.64 19.80 -31.37
CA ARG A 44 -11.69 20.77 -31.87
C ARG A 44 -11.01 21.39 -30.66
N HIS A 45 -9.72 21.10 -30.52
CA HIS A 45 -8.99 21.42 -29.29
C HIS A 45 -9.06 22.90 -28.94
N SER A 46 -8.79 23.74 -29.94
CA SER A 46 -8.58 25.16 -29.71
C SER A 46 -9.80 25.83 -29.07
N VAL A 47 -10.98 25.27 -29.31
CA VAL A 47 -12.22 25.85 -28.82
C VAL A 47 -13.00 24.96 -27.84
N ASP A 48 -12.89 23.65 -28.02
CA ASP A 48 -13.66 22.71 -27.19
C ASP A 48 -12.91 22.25 -25.95
N LEU A 49 -11.58 22.32 -25.99
CA LEU A 49 -10.75 21.85 -24.88
C LEU A 49 -9.99 22.99 -24.20
N ILE A 50 -9.12 23.62 -24.98
CA ILE A 50 -8.22 24.63 -24.44
C ILE A 50 -8.96 25.75 -23.74
N GLY A 51 -8.52 26.07 -22.52
CA GLY A 51 -9.12 27.13 -21.74
C GLY A 51 -10.21 26.60 -20.83
N ARG A 52 -10.67 25.39 -21.10
CA ARG A 52 -11.77 24.81 -20.33
C ARG A 52 -11.27 23.97 -19.15
N PRO A 53 -12.08 23.89 -18.09
CA PRO A 53 -11.68 23.22 -16.86
C PRO A 53 -11.89 21.71 -16.94
N PHE A 54 -10.99 20.95 -16.31
CA PHE A 54 -11.12 19.51 -16.25
C PHE A 54 -12.38 19.13 -15.50
N GLY A 55 -13.00 18.03 -15.91
CA GLY A 55 -14.18 17.53 -15.24
C GLY A 55 -15.45 18.04 -15.91
N SER A 56 -15.27 18.79 -16.99
CA SER A 56 -16.41 19.38 -17.69
C SER A 56 -16.98 18.46 -18.74
N LYS A 57 -18.24 18.68 -19.06
CA LYS A 57 -18.91 18.00 -20.15
C LYS A 57 -18.60 18.79 -21.41
N VAL A 58 -18.02 18.13 -22.40
CA VAL A 58 -17.68 18.79 -23.65
C VAL A 58 -18.56 18.29 -24.78
N THR A 59 -19.38 19.19 -25.31
CA THR A 59 -20.16 18.89 -26.49
C THR A 59 -19.19 18.79 -27.66
N CYS A 60 -19.40 17.79 -28.52
CA CYS A 60 -18.45 17.51 -29.59
C CYS A 60 -18.92 18.05 -30.94
N GLY A 61 -19.87 17.36 -31.57
CA GLY A 61 -20.34 17.75 -32.89
C GLY A 61 -21.85 17.79 -33.01
N ARG A 62 -22.44 16.65 -33.38
CA ARG A 62 -23.88 16.59 -33.62
C ARG A 62 -24.67 16.47 -32.31
N GLY A 63 -24.26 17.22 -31.30
CA GLY A 63 -24.91 17.20 -30.01
C GLY A 63 -24.33 16.13 -29.10
N GLY A 64 -23.37 15.38 -29.61
CA GLY A 64 -22.70 14.37 -28.81
C GLY A 64 -21.89 15.04 -27.71
N TRP A 65 -21.52 14.30 -26.68
CA TRP A 65 -20.77 14.88 -25.57
C TRP A 65 -19.76 13.93 -24.96
N VAL A 66 -18.81 14.51 -24.23
CA VAL A 66 -17.77 13.75 -23.56
C VAL A 66 -17.36 14.45 -22.27
N TYR A 67 -16.79 13.69 -21.33
CA TYR A 67 -16.19 14.29 -20.15
C TYR A 67 -14.67 14.26 -20.29
N VAL A 68 -14.02 15.31 -19.79
CA VAL A 68 -12.58 15.42 -19.88
C VAL A 68 -11.97 15.36 -18.48
N LEU A 69 -11.05 14.42 -18.29
CA LEU A 69 -10.47 14.19 -16.97
C LEU A 69 -9.00 14.59 -16.90
N HIS A 70 -8.62 15.11 -15.74
CA HIS A 70 -7.25 15.47 -15.44
C HIS A 70 -6.38 14.20 -15.42
N PRO A 71 -5.18 14.27 -16.01
CA PRO A 71 -4.33 13.07 -16.05
C PRO A 71 -3.84 12.63 -14.68
N THR A 72 -3.76 11.31 -14.50
CA THR A 72 -3.13 10.70 -13.34
C THR A 72 -2.42 9.47 -13.87
N PRO A 73 -1.46 8.94 -13.11
CA PRO A 73 -0.76 7.70 -13.49
C PRO A 73 -1.73 6.55 -13.73
N GLU A 74 -2.76 6.46 -12.89
CA GLU A 74 -3.73 5.37 -12.99
C GLU A 74 -4.49 5.48 -14.32
N LEU A 75 -4.90 6.69 -14.67
CA LEU A 75 -5.59 6.91 -15.93
C LEU A 75 -4.63 6.76 -17.11
N TRP A 76 -3.38 7.18 -16.91
CA TRP A 76 -2.37 7.05 -17.95
C TRP A 76 -2.10 5.57 -18.23
N THR A 77 -1.99 4.77 -17.16
CA THR A 77 -1.76 3.34 -17.27
C THR A 77 -2.81 2.65 -18.14
N LEU A 78 -4.03 3.17 -18.13
CA LEU A 78 -5.12 2.57 -18.87
C LEU A 78 -5.24 3.09 -20.29
N ASN A 79 -4.47 4.12 -20.64
CA ASN A 79 -4.58 4.76 -21.94
C ASN A 79 -3.25 4.91 -22.67
N LEU A 80 -2.16 4.45 -22.08
CA LEU A 80 -0.85 4.66 -22.68
C LEU A 80 -0.61 3.65 -23.81
N PRO A 81 0.21 4.04 -24.79
CA PRO A 81 0.64 3.17 -25.90
C PRO A 81 1.59 2.07 -25.44
N HIS A 82 1.14 0.82 -25.53
CA HIS A 82 1.97 -0.33 -25.17
C HIS A 82 3.13 -0.52 -26.13
N ARG A 83 4.34 -0.58 -25.58
CA ARG A 83 5.51 -1.04 -26.32
C ARG A 83 5.97 -2.32 -25.64
N THR A 84 5.30 -2.63 -24.54
CA THR A 84 5.56 -3.83 -23.77
C THR A 84 4.27 -4.17 -23.05
N GLN A 85 4.22 -5.36 -22.46
CA GLN A 85 3.20 -5.62 -21.46
C GLN A 85 3.53 -4.71 -20.29
N ILE A 86 2.51 -4.21 -19.60
CA ILE A 86 2.73 -3.29 -18.51
C ILE A 86 2.11 -3.80 -17.21
N LEU A 87 2.50 -3.19 -16.11
CA LEU A 87 1.87 -3.46 -14.83
C LEU A 87 0.68 -2.54 -14.68
N TYR A 88 -0.38 -3.06 -14.08
CA TYR A 88 -1.58 -2.28 -13.82
C TYR A 88 -1.60 -1.81 -12.38
N SER A 89 -2.61 -1.02 -12.04
CA SER A 89 -2.56 -0.21 -10.81
C SER A 89 -2.64 -1.05 -9.54
N THR A 90 -3.17 -2.27 -9.64
CA THR A 90 -3.29 -3.12 -8.48
C THR A 90 -1.94 -3.61 -8.00
N ASP A 91 -1.11 -4.08 -8.93
CA ASP A 91 0.25 -4.48 -8.61
C ASP A 91 1.07 -3.26 -8.19
N ILE A 92 0.84 -2.13 -8.88
CA ILE A 92 1.61 -0.92 -8.62
C ILE A 92 1.34 -0.37 -7.23
N ALA A 93 0.08 -0.47 -6.79
CA ALA A 93 -0.30 -0.01 -5.47
C ALA A 93 0.48 -0.77 -4.39
N LEU A 94 0.57 -2.08 -4.55
CA LEU A 94 1.23 -2.93 -3.58
C LEU A 94 2.74 -2.72 -3.62
N ILE A 95 3.29 -2.60 -4.83
CA ILE A 95 4.71 -2.35 -5.00
C ILE A 95 5.10 -1.05 -4.31
N THR A 96 4.28 -0.02 -4.50
CA THR A 96 4.58 1.31 -3.97
C THR A 96 4.61 1.32 -2.43
N MET A 97 3.60 0.70 -1.80
CA MET A 97 3.54 0.68 -0.35
C MET A 97 4.63 -0.20 0.26
N MET A 98 4.85 -1.37 -0.34
CA MET A 98 5.80 -2.33 0.22
C MET A 98 7.25 -1.90 0.02
N LEU A 99 7.50 -1.07 -0.99
CA LEU A 99 8.82 -0.48 -1.18
C LEU A 99 8.98 0.75 -0.31
N GLU A 100 7.91 1.15 0.37
CA GLU A 100 7.94 2.29 1.29
C GLU A 100 8.24 3.58 0.55
N LEU A 101 7.70 3.73 -0.66
CA LEU A 101 7.93 4.92 -1.46
C LEU A 101 7.14 6.11 -0.94
N ARG A 102 7.75 7.28 -1.02
CA ARG A 102 7.19 8.50 -0.45
C ARG A 102 7.91 9.67 -1.09
N PRO A 103 7.43 10.89 -0.85
CA PRO A 103 8.15 12.05 -1.38
C PRO A 103 9.58 12.09 -0.86
N GLY A 104 10.56 12.22 -1.76
CA GLY A 104 11.95 12.31 -1.36
C GLY A 104 12.68 11.01 -1.61
N SER A 105 11.94 9.95 -1.93
CA SER A 105 12.55 8.65 -2.15
C SER A 105 13.39 8.65 -3.42
N VAL A 106 14.51 7.97 -3.38
CA VAL A 106 15.34 7.76 -4.56
C VAL A 106 15.16 6.31 -4.98
N VAL A 107 14.76 6.11 -6.23
CA VAL A 107 14.34 4.80 -6.70
C VAL A 107 15.08 4.39 -7.96
N CYS A 108 15.46 3.12 -8.02
CA CYS A 108 16.06 2.55 -9.21
C CYS A 108 15.12 1.50 -9.82
N GLU A 109 14.98 1.54 -11.15
CA GLU A 109 14.04 0.67 -11.85
C GLU A 109 14.63 0.12 -13.14
N SER A 110 14.34 -1.14 -13.42
CA SER A 110 14.62 -1.75 -14.71
C SER A 110 13.68 -2.95 -14.85
N GLY A 111 13.02 -3.12 -16.00
CA GLY A 111 13.17 -2.25 -17.15
C GLY A 111 12.06 -1.22 -17.26
N THR A 112 12.40 -0.11 -17.89
CA THR A 112 11.46 1.01 -18.04
C THR A 112 10.20 0.56 -18.78
N GLY A 113 10.38 -0.24 -19.83
CA GLY A 113 9.26 -0.76 -20.59
C GLY A 113 8.44 0.32 -21.26
N SER A 114 7.18 0.45 -20.85
CA SER A 114 6.26 1.43 -21.44
C SER A 114 5.97 2.55 -20.45
N GLY A 115 6.63 2.52 -19.29
CA GLY A 115 6.61 3.62 -18.36
C GLY A 115 5.40 3.67 -17.43
N SER A 116 4.62 2.60 -17.35
CA SER A 116 3.44 2.60 -16.49
C SER A 116 3.84 2.76 -15.03
N VAL A 117 4.77 1.94 -14.58
CA VAL A 117 5.26 2.02 -13.20
C VAL A 117 6.07 3.29 -12.99
N SER A 118 6.83 3.68 -14.01
CA SER A 118 7.68 4.87 -13.92
C SER A 118 6.88 6.08 -13.50
N HIS A 119 5.74 6.30 -14.16
CA HIS A 119 4.91 7.48 -13.88
C HIS A 119 4.32 7.42 -12.47
N ALA A 120 3.94 6.23 -12.03
CA ALA A 120 3.39 6.06 -10.68
C ALA A 120 4.44 6.44 -9.65
N ILE A 121 5.65 5.94 -9.84
CA ILE A 121 6.75 6.22 -8.94
C ILE A 121 7.04 7.72 -8.86
N ILE A 122 7.12 8.36 -10.03
CA ILE A 122 7.40 9.79 -10.09
C ILE A 122 6.36 10.59 -9.32
N ARG A 123 5.09 10.22 -9.51
CA ARG A 123 3.98 10.87 -8.82
C ARG A 123 4.15 10.76 -7.32
N THR A 124 4.68 9.63 -6.88
CA THR A 124 4.80 9.32 -5.45
C THR A 124 6.02 9.96 -4.79
N ILE A 125 7.13 10.07 -5.52
CA ILE A 125 8.38 10.54 -4.92
C ILE A 125 8.64 12.03 -5.12
N ALA A 126 7.87 12.66 -6.00
CA ALA A 126 7.97 14.11 -6.19
C ALA A 126 7.58 14.80 -4.89
N PRO A 127 8.06 16.03 -4.66
CA PRO A 127 8.91 16.82 -5.58
C PRO A 127 10.41 16.64 -5.34
N THR A 128 10.79 15.89 -4.33
CA THR A 128 12.17 15.85 -3.86
C THR A 128 12.92 14.58 -4.24
N GLY A 129 12.20 13.56 -4.69
CA GLY A 129 12.81 12.29 -5.02
C GLY A 129 13.30 12.25 -6.45
N HIS A 130 13.89 11.13 -6.84
CA HIS A 130 14.36 10.95 -8.21
C HIS A 130 14.32 9.48 -8.60
N LEU A 131 14.03 9.21 -9.86
CA LEU A 131 13.97 7.85 -10.38
C LEU A 131 15.09 7.62 -11.38
N HIS A 132 15.90 6.61 -11.12
CA HIS A 132 16.96 6.19 -12.04
C HIS A 132 16.51 4.89 -12.69
N THR A 133 15.98 4.98 -13.90
CA THR A 133 15.44 3.82 -14.58
C THR A 133 16.34 3.38 -15.71
N VAL A 134 16.23 2.11 -16.08
CA VAL A 134 17.15 1.50 -17.03
C VAL A 134 16.41 0.64 -18.03
N GLU A 135 16.80 0.76 -19.30
CA GLU A 135 16.17 0.06 -20.40
C GLU A 135 17.21 -0.20 -21.48
N PHE A 136 17.43 -1.46 -21.83
CA PHE A 136 18.53 -1.80 -22.74
C PHE A 136 18.07 -1.87 -24.21
N HIS A 137 16.84 -1.45 -24.44
CA HIS A 137 16.27 -1.37 -25.78
C HIS A 137 16.25 0.11 -26.17
N GLN A 138 17.06 0.48 -27.16
CA GLN A 138 17.28 1.89 -27.50
C GLN A 138 16.00 2.66 -27.75
N GLN A 139 15.11 2.07 -28.55
CA GLN A 139 13.90 2.73 -28.99
C GLN A 139 12.91 2.93 -27.84
N ARG A 140 12.73 1.87 -27.06
CA ARG A 140 11.85 1.95 -25.90
C ARG A 140 12.39 2.97 -24.90
N ALA A 141 13.72 2.98 -24.74
CA ALA A 141 14.37 3.93 -23.86
C ALA A 141 14.09 5.36 -24.29
N GLU A 142 14.21 5.63 -25.59
CA GLU A 142 14.05 6.97 -26.12
C GLU A 142 12.59 7.41 -26.12
N LYS A 143 11.70 6.48 -26.45
CA LYS A 143 10.27 6.76 -26.43
C LYS A 143 9.85 7.15 -25.02
N ALA A 144 10.48 6.53 -24.02
CA ALA A 144 10.20 6.84 -22.63
C ALA A 144 10.69 8.25 -22.28
N ARG A 145 11.88 8.61 -22.76
CA ARG A 145 12.41 9.95 -22.53
C ARG A 145 11.49 11.00 -23.13
N GLU A 146 11.00 10.72 -24.33
CA GLU A 146 10.10 11.64 -25.02
C GLU A 146 8.84 11.89 -24.18
N GLU A 147 8.24 10.81 -23.69
CA GLU A 147 7.02 10.92 -22.89
C GLU A 147 7.25 11.71 -21.62
N PHE A 148 8.38 11.46 -20.97
CA PHE A 148 8.72 12.14 -19.73
C PHE A 148 8.84 13.65 -19.94
N GLN A 149 9.40 14.06 -21.07
CA GLN A 149 9.49 15.48 -21.39
C GLN A 149 8.12 16.04 -21.72
N GLU A 150 7.36 15.33 -22.56
CA GLU A 150 6.02 15.77 -22.92
C GLU A 150 5.15 15.98 -21.68
N HIS A 151 5.31 15.11 -20.69
CA HIS A 151 4.51 15.17 -19.47
C HIS A 151 5.15 16.04 -18.40
N ARG A 152 6.30 16.63 -18.74
CA ARG A 152 6.97 17.59 -17.87
C ARG A 152 7.38 17.00 -16.52
N VAL A 153 7.94 15.80 -16.55
CA VAL A 153 8.42 15.15 -15.34
C VAL A 153 9.89 14.74 -15.46
N GLY A 154 10.60 15.32 -16.42
CA GLY A 154 11.98 14.93 -16.69
C GLY A 154 12.90 15.22 -15.52
N ARG A 155 12.54 16.23 -14.73
CA ARG A 155 13.33 16.63 -13.58
C ARG A 155 13.51 15.48 -12.59
N TRP A 156 12.51 14.61 -12.50
CA TRP A 156 12.47 13.59 -11.46
C TRP A 156 12.90 12.23 -11.96
N VAL A 157 13.31 12.15 -13.22
CA VAL A 157 13.67 10.86 -13.79
C VAL A 157 14.84 10.94 -14.76
N THR A 158 15.71 9.95 -14.66
CA THR A 158 16.82 9.80 -15.58
C THR A 158 16.74 8.40 -16.19
N VAL A 159 16.69 8.34 -17.51
CA VAL A 159 16.70 7.07 -18.20
C VAL A 159 18.09 6.76 -18.74
N ARG A 160 18.60 5.59 -18.38
CA ARG A 160 19.89 5.14 -18.86
C ARG A 160 19.74 3.91 -19.73
N THR A 161 20.32 3.97 -20.91
CA THR A 161 20.18 2.88 -21.86
C THR A 161 21.34 1.91 -21.73
N GLN A 162 21.13 0.83 -21.00
CA GLN A 162 22.18 -0.13 -20.72
C GLN A 162 21.61 -1.41 -20.13
N ASP A 163 22.46 -2.42 -19.99
CA ASP A 163 22.06 -3.71 -19.45
C ASP A 163 22.25 -3.70 -17.94
N VAL A 164 21.13 -3.71 -17.20
CA VAL A 164 21.16 -3.59 -15.75
C VAL A 164 21.88 -4.76 -15.09
N CYS A 165 21.96 -5.88 -15.80
CA CYS A 165 22.54 -7.10 -15.24
C CYS A 165 24.06 -7.14 -15.36
N ARG A 166 24.64 -6.26 -16.19
CA ARG A 166 26.10 -6.19 -16.33
C ARG A 166 26.64 -4.86 -15.81
N SER A 167 25.93 -3.78 -16.10
CA SER A 167 26.40 -2.44 -15.85
C SER A 167 25.64 -1.76 -14.72
N GLY A 168 24.61 -2.44 -14.20
CA GLY A 168 23.85 -1.91 -13.08
C GLY A 168 22.91 -0.78 -13.45
N PHE A 169 22.52 0.01 -12.45
CA PHE A 169 21.51 1.06 -12.62
C PHE A 169 22.11 2.41 -12.99
N GLY A 170 23.43 2.55 -12.87
CA GLY A 170 24.10 3.78 -13.22
C GLY A 170 24.37 4.65 -12.00
N VAL A 171 23.96 4.16 -10.83
CA VAL A 171 24.21 4.85 -9.57
C VAL A 171 24.62 3.82 -8.53
N SER A 172 25.17 4.28 -7.41
CA SER A 172 25.63 3.37 -6.38
C SER A 172 25.40 3.93 -5.00
N HIS A 173 24.73 3.14 -4.14
CA HIS A 173 24.52 3.51 -2.75
C HIS A 173 23.78 4.83 -2.60
N VAL A 174 22.76 5.05 -3.43
CA VAL A 174 21.93 6.24 -3.32
C VAL A 174 20.43 5.95 -3.16
N ALA A 175 20.03 4.70 -3.43
CA ALA A 175 18.61 4.37 -3.54
C ALA A 175 18.00 3.86 -2.24
N ASP A 176 16.76 4.25 -2.00
CA ASP A 176 15.97 3.71 -0.89
C ASP A 176 15.21 2.47 -1.36
N ALA A 177 15.04 2.34 -2.66
CA ALA A 177 14.25 1.25 -3.21
C ALA A 177 14.67 0.85 -4.61
N VAL A 178 14.59 -0.44 -4.89
CA VAL A 178 14.87 -0.97 -6.21
C VAL A 178 13.69 -1.81 -6.68
N PHE A 179 13.26 -1.57 -7.92
CA PHE A 179 12.20 -2.37 -8.53
C PHE A 179 12.66 -3.02 -9.83
N LEU A 180 12.48 -4.33 -9.94
CA LEU A 180 12.84 -5.07 -11.14
C LEU A 180 11.63 -5.66 -11.85
N ASP A 181 11.55 -5.39 -13.15
CA ASP A 181 10.60 -6.07 -14.02
C ASP A 181 11.38 -6.50 -15.26
N ILE A 182 12.12 -7.60 -15.14
CA ILE A 182 12.87 -8.16 -16.24
C ILE A 182 12.85 -9.68 -16.18
N PRO A 183 13.20 -10.35 -17.29
CA PRO A 183 13.18 -11.82 -17.40
C PRO A 183 14.22 -12.55 -16.54
N SER A 184 15.29 -11.88 -16.14
CA SER A 184 16.39 -12.54 -15.45
C SER A 184 16.89 -11.69 -14.27
N PRO A 185 15.99 -11.39 -13.33
CA PRO A 185 16.24 -10.49 -12.19
C PRO A 185 17.27 -11.02 -11.20
N TRP A 186 17.49 -12.33 -11.17
CA TRP A 186 18.49 -12.90 -10.26
C TRP A 186 19.89 -12.46 -10.66
N GLU A 187 20.06 -12.05 -11.91
CA GLU A 187 21.35 -11.55 -12.41
C GLU A 187 21.55 -10.08 -12.10
N ALA A 188 20.57 -9.46 -11.43
CA ALA A 188 20.62 -8.04 -11.13
C ALA A 188 20.58 -7.78 -9.62
N VAL A 189 20.47 -8.85 -8.84
CA VAL A 189 20.36 -8.72 -7.38
C VAL A 189 21.58 -8.06 -6.76
N GLY A 190 22.76 -8.36 -7.30
CA GLY A 190 23.99 -7.76 -6.81
C GLY A 190 24.01 -6.26 -7.03
N HIS A 191 23.59 -5.84 -8.22
CA HIS A 191 23.55 -4.43 -8.57
C HIS A 191 22.49 -3.68 -7.78
N ALA A 192 21.42 -4.38 -7.44
CA ALA A 192 20.36 -3.80 -6.62
C ALA A 192 20.93 -3.45 -5.25
N TRP A 193 21.68 -4.40 -4.69
CA TRP A 193 22.36 -4.21 -3.42
C TRP A 193 23.33 -3.02 -3.51
N ASP A 194 24.07 -2.94 -4.60
CA ASP A 194 25.02 -1.85 -4.81
C ASP A 194 24.31 -0.53 -5.02
N ALA A 195 23.12 -0.56 -5.59
CA ALA A 195 22.37 0.65 -5.88
C ALA A 195 21.74 1.22 -4.62
N LEU A 196 21.29 0.33 -3.75
CA LEU A 196 20.66 0.73 -2.49
C LEU A 196 21.68 1.36 -1.56
N LYS A 197 21.22 2.31 -0.75
CA LYS A 197 22.06 2.96 0.25
C LYS A 197 22.74 1.93 1.15
N VAL A 198 23.87 2.31 1.72
CA VAL A 198 24.59 1.46 2.64
C VAL A 198 23.77 1.27 3.92
N GLU A 199 23.03 2.32 4.28
CA GLU A 199 22.19 2.30 5.47
C GLU A 199 21.03 1.33 5.27
N GLY A 200 20.76 0.97 4.02
CA GLY A 200 19.75 -0.03 3.71
C GLY A 200 18.62 0.51 2.86
N GLY A 201 17.73 -0.39 2.45
CA GLY A 201 16.56 -0.03 1.66
C GLY A 201 15.72 -1.24 1.31
N ARG A 202 14.83 -1.08 0.33
CA ARG A 202 13.87 -2.12 -0.01
C ARG A 202 14.02 -2.59 -1.45
N PHE A 203 13.66 -3.85 -1.68
CA PHE A 203 13.79 -4.49 -2.98
C PHE A 203 12.46 -5.15 -3.40
N CYS A 204 12.13 -5.07 -4.69
CA CYS A 204 10.97 -5.78 -5.22
C CYS A 204 11.24 -6.25 -6.65
N SER A 205 10.87 -7.50 -6.95
CA SER A 205 10.99 -8.04 -8.30
C SER A 205 9.67 -8.66 -8.75
N PHE A 206 9.29 -8.39 -9.99
CA PHE A 206 8.07 -8.92 -10.58
C PHE A 206 8.42 -10.03 -11.58
N SER A 207 7.89 -11.23 -11.36
CA SER A 207 8.14 -12.37 -12.25
C SER A 207 6.88 -13.20 -12.47
N PRO A 208 6.54 -13.48 -13.75
CA PRO A 208 5.38 -14.32 -14.11
C PRO A 208 5.53 -15.78 -13.70
N CYS A 209 6.77 -16.29 -13.72
CA CYS A 209 7.00 -17.72 -13.54
C CYS A 209 7.67 -18.02 -12.19
N ILE A 210 7.22 -19.09 -11.55
CA ILE A 210 7.67 -19.42 -10.21
C ILE A 210 9.15 -19.80 -10.16
N GLU A 211 9.68 -20.29 -11.29
CA GLU A 211 11.09 -20.66 -11.36
C GLU A 211 11.97 -19.41 -11.36
N GLN A 212 11.45 -18.31 -11.88
CA GLN A 212 12.15 -17.04 -11.83
C GLN A 212 12.17 -16.53 -10.40
N VAL A 213 11.08 -16.77 -9.68
CA VAL A 213 10.97 -16.36 -8.30
C VAL A 213 11.97 -17.13 -7.44
N GLN A 214 12.06 -18.43 -7.67
CA GLN A 214 12.94 -19.31 -6.92
C GLN A 214 14.40 -18.88 -7.04
N ARG A 215 14.81 -18.55 -8.26
CA ARG A 215 16.17 -18.11 -8.52
CA ARG A 215 16.18 -18.12 -8.51
C ARG A 215 16.42 -16.76 -7.86
N THR A 216 15.42 -15.90 -7.94
CA THR A 216 15.54 -14.57 -7.36
C THR A 216 15.72 -14.67 -5.84
N CYS A 217 14.93 -15.52 -5.20
CA CYS A 217 14.98 -15.67 -3.76
C CYS A 217 16.32 -16.25 -3.33
N GLN A 218 16.84 -17.16 -4.14
CA GLN A 218 18.13 -17.79 -3.86
C GLN A 218 19.24 -16.75 -3.89
N ALA A 219 19.18 -15.87 -4.89
CA ALA A 219 20.20 -14.83 -5.07
C ALA A 219 20.10 -13.77 -3.98
N LEU A 220 18.88 -13.40 -3.61
CA LEU A 220 18.66 -12.42 -2.54
C LEU A 220 19.30 -12.89 -1.25
N ALA A 221 19.08 -14.16 -0.90
CA ALA A 221 19.57 -14.73 0.34
C ALA A 221 21.09 -14.73 0.34
N ALA A 222 21.67 -15.19 -0.78
CA ALA A 222 23.12 -15.32 -0.92
C ALA A 222 23.83 -13.98 -0.80
N ARG A 223 23.18 -12.91 -1.25
CA ARG A 223 23.81 -11.58 -1.27
C ARG A 223 23.67 -10.86 0.06
N GLY A 224 22.75 -11.31 0.91
CA GLY A 224 22.59 -10.75 2.24
C GLY A 224 21.26 -10.05 2.46
N PHE A 225 20.35 -10.15 1.49
CA PHE A 225 19.02 -9.58 1.65
C PHE A 225 18.24 -10.33 2.72
N SER A 226 17.32 -9.62 3.38
CA SER A 226 16.53 -10.21 4.46
C SER A 226 15.04 -9.92 4.29
N GLU A 227 14.24 -10.49 5.20
CA GLU A 227 12.81 -10.24 5.21
CA GLU A 227 12.80 -10.27 5.20
C GLU A 227 12.20 -10.58 3.85
N LEU A 228 12.55 -11.74 3.29
CA LEU A 228 12.05 -12.17 2.00
C LEU A 228 10.58 -12.53 2.06
N SER A 229 9.79 -11.96 1.17
CA SER A 229 8.36 -12.24 1.09
C SER A 229 7.95 -12.32 -0.36
N THR A 230 7.18 -13.35 -0.71
CA THR A 230 6.66 -13.46 -2.07
C THR A 230 5.13 -13.44 -2.02
N LEU A 231 4.56 -12.52 -2.78
CA LEU A 231 3.12 -12.26 -2.75
C LEU A 231 2.53 -12.24 -4.14
N GLU A 232 1.23 -12.48 -4.22
CA GLU A 232 0.50 -12.27 -5.45
C GLU A 232 -0.78 -11.52 -5.10
N VAL A 233 -1.10 -10.49 -5.85
CA VAL A 233 -2.33 -9.75 -5.62
C VAL A 233 -3.24 -9.85 -6.83
N LEU A 234 -4.51 -10.14 -6.57
CA LEU A 234 -5.47 -10.42 -7.62
C LEU A 234 -6.67 -9.49 -7.49
N PRO A 235 -6.90 -8.66 -8.51
CA PRO A 235 -8.06 -7.76 -8.51
C PRO A 235 -9.33 -8.47 -8.91
N GLN A 236 -10.44 -8.14 -8.25
CA GLN A 236 -11.74 -8.58 -8.70
C GLN A 236 -12.63 -7.36 -8.83
N VAL A 237 -13.30 -7.25 -9.96
CA VAL A 237 -14.14 -6.11 -10.25
C VAL A 237 -15.58 -6.58 -10.40
N TYR A 238 -16.51 -5.81 -9.85
CA TYR A 238 -17.90 -6.23 -9.83
C TYR A 238 -18.79 -5.28 -10.60
N ASN A 239 -19.75 -5.84 -11.33
CA ASN A 239 -20.82 -5.07 -11.91
C ASN A 239 -21.99 -5.05 -10.97
N VAL A 240 -22.59 -3.88 -10.80
CA VAL A 240 -23.75 -3.72 -9.93
C VAL A 240 -25.03 -3.81 -10.75
N ARG A 241 -25.76 -4.91 -10.55
CA ARG A 241 -26.97 -5.17 -11.31
C ARG A 241 -28.11 -5.53 -10.38
N THR A 242 -29.32 -5.25 -10.83
CA THR A 242 -30.51 -5.73 -10.15
C THR A 242 -30.97 -6.97 -10.90
N VAL A 243 -31.18 -8.05 -10.15
CA VAL A 243 -31.64 -9.28 -10.75
C VAL A 243 -32.91 -9.74 -10.07
N SER A 244 -33.73 -10.47 -10.81
CA SER A 244 -34.94 -11.04 -10.26
C SER A 244 -35.09 -12.46 -10.79
N LEU A 245 -35.07 -13.42 -9.89
CA LEU A 245 -35.27 -14.81 -10.26
C LEU A 245 -36.75 -15.11 -10.22
N PRO A 246 -37.31 -15.56 -11.35
CA PRO A 246 -38.75 -15.84 -11.41
C PRO A 246 -39.15 -16.94 -10.44
N PRO A 247 -40.28 -16.74 -9.73
CA PRO A 247 -40.80 -17.80 -8.85
C PRO A 247 -41.16 -19.03 -9.66
N PRO A 248 -41.00 -20.23 -9.07
CA PRO A 248 -41.38 -21.50 -9.69
C PRO A 248 -42.89 -21.68 -9.62
N ASP A 249 -43.45 -22.43 -10.56
CA ASP A 249 -44.87 -22.74 -10.53
C ASP A 249 -45.09 -24.09 -9.88
N LEU A 250 -45.50 -24.07 -8.62
CA LEU A 250 -45.81 -25.28 -7.87
C LEU A 250 -47.29 -25.61 -7.95
N GLY A 251 -48.06 -24.76 -8.62
CA GLY A 251 -49.49 -24.94 -8.77
C GLY A 251 -50.27 -24.09 -7.79
N THR A 252 -49.55 -23.43 -6.88
CA THR A 252 -50.18 -22.56 -5.90
C THR A 252 -50.69 -21.29 -6.57
N GLY A 253 -51.68 -20.65 -5.96
CA GLY A 253 -52.24 -19.42 -6.49
C GLY A 253 -51.75 -18.20 -5.73
N SER A 260 -43.40 -12.71 -2.37
CA SER A 260 -42.81 -12.19 -1.14
C SER A 260 -41.36 -12.64 -0.99
N ASP A 261 -41.16 -13.95 -0.97
CA ASP A 261 -39.83 -14.53 -0.81
C ASP A 261 -39.18 -14.75 -2.16
N THR A 262 -39.48 -13.88 -3.12
CA THR A 262 -39.01 -14.03 -4.49
C THR A 262 -38.74 -12.65 -5.06
N SER A 263 -38.43 -11.70 -4.18
CA SER A 263 -38.30 -10.31 -4.59
C SER A 263 -36.94 -10.04 -5.21
N PRO A 264 -36.89 -9.08 -6.16
CA PRO A 264 -35.68 -8.63 -6.84
C PRO A 264 -34.60 -8.22 -5.86
N PHE A 265 -33.34 -8.20 -6.30
CA PHE A 265 -32.25 -7.82 -5.40
C PHE A 265 -31.06 -7.23 -6.14
N ARG A 266 -30.31 -6.39 -5.42
CA ARG A 266 -29.05 -5.86 -5.92
C ARG A 266 -27.97 -6.90 -5.72
N SER A 267 -27.16 -7.12 -6.76
CA SER A 267 -26.02 -8.01 -6.63
C SER A 267 -24.76 -7.41 -7.22
N GLY A 268 -23.62 -7.82 -6.66
CA GLY A 268 -22.33 -7.45 -7.19
C GLY A 268 -21.72 -8.67 -7.85
N THR A 269 -21.82 -8.74 -9.17
CA THR A 269 -21.31 -9.88 -9.92
C THR A 269 -20.00 -9.52 -10.60
N PRO A 270 -19.05 -10.47 -10.62
CA PRO A 270 -17.76 -10.26 -11.29
C PRO A 270 -17.94 -9.96 -12.78
N MET A 271 -17.17 -9.02 -13.30
CA MET A 271 -17.22 -8.67 -14.72
C MET A 271 -16.79 -9.85 -15.56
N LYS A 272 -15.87 -10.64 -15.00
CA LYS A 272 -15.32 -11.80 -15.69
C LYS A 272 -15.44 -13.01 -14.78
N GLU A 273 -15.61 -14.18 -15.38
CA GLU A 273 -15.76 -15.40 -14.60
C GLU A 273 -14.41 -15.88 -14.07
N ALA A 274 -13.33 -15.32 -14.61
CA ALA A 274 -11.99 -15.69 -14.18
C ALA A 274 -11.08 -14.47 -14.01
N VAL A 275 -10.28 -14.50 -12.96
CA VAL A 275 -9.26 -13.48 -12.72
C VAL A 275 -7.90 -14.06 -13.08
N GLY A 276 -7.14 -13.33 -13.89
CA GLY A 276 -5.90 -13.85 -14.44
C GLY A 276 -4.71 -13.67 -13.50
N HIS A 277 -3.58 -14.19 -13.96
CA HIS A 277 -2.32 -14.07 -13.22
C HIS A 277 -1.41 -13.12 -13.98
N THR A 278 -0.88 -12.12 -13.28
CA THR A 278 0.07 -11.19 -13.87
C THR A 278 1.46 -11.69 -13.55
N GLY A 279 1.82 -11.60 -12.28
CA GLY A 279 3.11 -12.09 -11.82
C GLY A 279 3.21 -12.16 -10.31
N TYR A 280 4.25 -12.83 -9.83
CA TYR A 280 4.55 -12.87 -8.43
C TYR A 280 5.37 -11.64 -8.08
N LEU A 281 5.18 -11.13 -6.88
CA LEU A 281 5.96 -10.00 -6.38
C LEU A 281 6.81 -10.44 -5.20
N THR A 282 8.12 -10.39 -5.38
CA THR A 282 9.05 -10.80 -4.33
C THR A 282 9.72 -9.60 -3.69
N PHE A 283 9.57 -9.44 -2.39
CA PHE A 283 10.12 -8.30 -1.66
C PHE A 283 11.26 -8.72 -0.76
N ALA A 284 12.12 -7.77 -0.43
CA ALA A 284 13.19 -8.02 0.51
C ALA A 284 13.77 -6.72 1.02
N THR A 285 14.61 -6.83 2.03
CA THR A 285 15.16 -5.68 2.72
C THR A 285 16.67 -5.77 2.77
N LYS A 286 17.33 -4.63 2.64
CA LYS A 286 18.76 -4.55 2.79
C LYS A 286 19.12 -3.85 4.09
N THR A 287 19.91 -4.52 4.92
CA THR A 287 20.42 -3.91 6.15
C THR A 287 21.91 -4.22 6.27
N PRO A 288 22.67 -3.32 6.90
CA PRO A 288 24.10 -3.54 7.15
C PRO A 288 24.34 -4.68 8.14
N GLY A 289 25.50 -5.33 8.05
CA GLY A 289 25.84 -6.43 8.94
C GLY A 289 26.33 -7.65 8.17
N HIS B 18 17.32 7.10 10.77
CA HIS B 18 18.70 6.69 10.52
CA HIS B 18 18.70 6.69 10.51
C HIS B 18 19.10 5.54 11.44
N ARG B 19 19.46 5.89 12.67
CA ARG B 19 19.82 4.91 13.67
C ARG B 19 18.88 5.08 14.85
N ILE B 20 18.80 4.06 15.70
CA ILE B 20 17.83 4.06 16.77
C ILE B 20 18.25 4.98 17.90
N ARG B 21 17.27 5.58 18.55
CA ARG B 21 17.52 6.59 19.57
C ARG B 21 16.36 6.61 20.55
N ASP B 22 16.59 7.17 21.73
CA ASP B 22 15.58 7.20 22.77
C ASP B 22 14.46 8.18 22.39
N GLY B 23 13.22 7.79 22.69
CA GLY B 23 12.07 8.61 22.36
C GLY B 23 11.49 8.24 21.01
N ASP B 24 12.27 7.52 20.21
CA ASP B 24 11.84 7.11 18.88
C ASP B 24 10.68 6.11 18.95
N PHE B 25 9.66 6.35 18.15
CA PHE B 25 8.60 5.36 17.96
C PHE B 25 9.16 4.24 17.10
N VAL B 26 8.78 3.02 17.42
CA VAL B 26 9.48 1.87 16.87
C VAL B 26 8.56 0.66 16.75
N VAL B 27 8.95 -0.30 15.93
CA VAL B 27 8.20 -1.54 15.79
C VAL B 27 9.08 -2.75 16.03
N LEU B 28 8.61 -3.65 16.87
CA LEU B 28 9.34 -4.87 17.19
C LEU B 28 8.78 -6.01 16.38
N LYS B 29 9.67 -6.87 15.90
CA LYS B 29 9.29 -7.98 15.06
C LYS B 29 10.05 -9.23 15.50
N ARG B 30 9.36 -10.36 15.55
CA ARG B 30 9.99 -11.60 15.98
C ARG B 30 10.06 -12.59 14.81
N GLU B 31 8.89 -13.03 14.37
CA GLU B 31 8.79 -13.84 13.17
C GLU B 31 8.03 -13.04 12.12
N ASP B 32 6.72 -13.17 12.09
CA ASP B 32 5.87 -12.31 11.28
C ASP B 32 5.03 -11.44 12.20
N VAL B 33 5.29 -11.54 13.49
CA VAL B 33 4.51 -10.83 14.51
C VAL B 33 5.13 -9.48 14.84
N PHE B 34 4.29 -8.45 14.84
CA PHE B 34 4.73 -7.08 15.05
C PHE B 34 4.07 -6.46 16.27
N LYS B 35 4.81 -5.58 16.95
CA LYS B 35 4.23 -4.76 18.00
C LYS B 35 4.94 -3.43 18.08
N ALA B 36 4.16 -2.35 18.13
CA ALA B 36 4.72 -1.01 18.14
C ALA B 36 4.86 -0.50 19.57
N VAL B 37 5.95 0.23 19.82
CA VAL B 37 6.21 0.82 21.13
C VAL B 37 7.13 2.02 20.97
N GLN B 38 7.06 2.94 21.93
CA GLN B 38 7.98 4.05 21.98
C GLN B 38 9.12 3.73 22.94
N VAL B 39 10.35 4.01 22.52
CA VAL B 39 11.52 3.72 23.34
C VAL B 39 11.63 4.68 24.52
N GLN B 40 11.84 4.12 25.70
CA GLN B 40 12.07 4.90 26.90
C GLN B 40 13.10 4.20 27.78
N ARG B 41 14.01 5.00 28.35
CA ARG B 41 14.98 4.47 29.29
C ARG B 41 14.25 3.88 30.50
N ARG B 42 14.66 2.69 30.90
CA ARG B 42 14.10 2.03 32.06
C ARG B 42 12.57 1.97 31.97
N LYS B 43 12.08 1.21 31.00
CA LYS B 43 10.65 0.99 30.86
C LYS B 43 10.38 -0.44 30.44
N LYS B 44 9.37 -1.04 31.05
CA LYS B 44 9.09 -2.46 30.85
C LYS B 44 7.96 -2.65 29.85
N VAL B 45 8.23 -3.47 28.84
CA VAL B 45 7.22 -3.82 27.86
C VAL B 45 7.28 -5.31 27.55
N THR B 46 6.13 -5.86 27.17
CA THR B 46 6.04 -7.28 26.88
C THR B 46 5.93 -7.52 25.40
N PHE B 47 6.43 -8.66 24.96
CA PHE B 47 6.32 -9.04 23.57
C PHE B 47 6.36 -10.55 23.44
N GLU B 48 5.23 -11.15 23.05
CA GLU B 48 5.15 -12.58 22.84
C GLU B 48 5.76 -13.35 24.01
N LYS B 49 5.25 -13.12 25.21
CA LYS B 49 5.62 -13.91 26.39
C LYS B 49 7.05 -13.60 26.86
N GLN B 50 7.37 -12.32 27.00
CA GLN B 50 8.69 -11.93 27.48
C GLN B 50 8.72 -10.50 28.00
N TRP B 51 9.78 -10.15 28.72
CA TRP B 51 9.93 -8.82 29.28
C TRP B 51 11.24 -8.18 28.86
N PHE B 52 11.13 -6.94 28.38
CA PHE B 52 12.26 -6.23 27.80
C PHE B 52 12.62 -5.00 28.59
N TYR B 53 13.88 -4.61 28.46
CA TYR B 53 14.30 -3.26 28.78
C TYR B 53 15.00 -2.71 27.54
N LEU B 54 14.40 -1.67 26.97
CA LEU B 54 14.79 -1.17 25.65
C LEU B 54 16.07 -0.35 25.70
N ASP B 55 16.51 -0.01 26.90
CA ASP B 55 17.71 0.80 27.06
C ASP B 55 18.84 0.33 26.16
N ASN B 56 19.05 -0.98 26.11
CA ASN B 56 20.21 -1.55 25.42
C ASN B 56 20.16 -1.42 23.90
N VAL B 57 18.97 -1.13 23.36
CA VAL B 57 18.82 -1.04 21.91
C VAL B 57 18.91 0.41 21.47
N ILE B 58 20.13 0.89 21.27
CA ILE B 58 20.36 2.27 20.89
C ILE B 58 21.69 2.40 20.19
N GLY B 59 21.78 3.35 19.28
CA GLY B 59 22.98 3.52 18.48
C GLY B 59 23.03 2.45 17.39
N HIS B 60 22.19 1.42 17.54
CA HIS B 60 22.11 0.37 16.55
C HIS B 60 21.23 0.81 15.40
N SER B 61 21.52 0.30 14.21
CA SER B 61 20.76 0.64 13.02
C SER B 61 19.44 -0.12 13.02
N TYR B 62 18.42 0.47 12.42
CA TYR B 62 17.15 -0.22 12.25
C TYR B 62 17.36 -1.44 11.38
N GLY B 63 16.80 -2.57 11.81
CA GLY B 63 17.05 -3.84 11.16
C GLY B 63 17.91 -4.70 12.08
N THR B 64 18.36 -4.11 13.18
CA THR B 64 19.19 -4.80 14.16
C THR B 64 18.39 -5.89 14.87
N ALA B 65 19.10 -6.92 15.33
CA ALA B 65 18.47 -8.04 16.00
C ALA B 65 18.81 -8.06 17.48
N PHE B 66 18.11 -8.88 18.25
CA PHE B 66 18.24 -8.89 19.70
C PHE B 66 17.82 -10.22 20.31
N GLU B 67 18.28 -10.47 21.52
CA GLU B 67 17.81 -11.58 22.32
C GLU B 67 17.66 -11.15 23.76
N VAL B 68 16.69 -11.74 24.45
CA VAL B 68 16.48 -11.47 25.86
C VAL B 68 17.46 -12.29 26.68
N THR B 69 17.67 -11.88 27.93
CA THR B 69 18.62 -12.56 28.79
C THR B 69 18.16 -12.54 30.24
N SER B 70 18.18 -11.35 30.84
CA SER B 70 17.90 -11.18 32.25
C SER B 70 16.86 -10.07 32.44
N GLY B 71 16.10 -9.78 31.39
CA GLY B 71 15.22 -8.64 31.37
C GLY B 71 15.80 -7.58 30.46
N GLY B 72 17.01 -7.84 29.99
CA GLY B 72 17.71 -6.92 29.11
C GLY B 72 18.00 -7.57 27.78
N SER B 73 18.12 -6.74 26.74
CA SER B 73 18.35 -7.25 25.40
C SER B 73 19.82 -7.06 25.01
N LEU B 74 20.40 -8.09 24.40
CA LEU B 74 21.80 -8.04 23.97
C LEU B 74 21.92 -8.15 22.46
N GLN B 75 22.75 -7.30 21.87
CA GLN B 75 22.97 -7.32 20.43
C GLN B 75 23.64 -8.62 19.98
N PRO B 76 22.95 -9.42 19.15
CA PRO B 76 23.49 -10.65 18.54
C PRO B 76 23.87 -10.43 17.08
N LYS B 77 24.69 -11.32 16.53
CA LYS B 77 25.07 -11.25 15.13
C LYS B 77 23.83 -11.20 14.23
N LYS B 78 24.02 -10.69 13.01
CA LYS B 78 22.92 -10.65 12.03
C LYS B 78 22.72 -12.03 11.45
N LYS B 79 23.81 -12.78 11.32
CA LYS B 79 23.77 -14.14 10.81
C LYS B 79 24.32 -15.10 11.85
N ARG B 80 24.15 -16.40 11.62
CA ARG B 80 24.62 -17.42 12.56
C ARG B 80 24.49 -18.82 11.97
N LYS B 88 25.14 -35.23 9.07
CA LYS B 88 24.22 -34.93 7.97
C LYS B 88 23.75 -36.19 7.27
N GLU B 89 23.29 -37.17 8.04
CA GLU B 89 22.73 -38.39 7.47
C GLU B 89 21.23 -38.37 7.68
N ALA B 90 20.49 -38.94 6.73
CA ALA B 90 19.04 -38.90 6.79
C ALA B 90 18.40 -40.05 6.05
N GLY B 91 17.11 -40.27 6.32
CA GLY B 91 16.36 -41.32 5.69
C GLY B 91 15.62 -40.83 4.46
N THR B 92 14.91 -41.74 3.80
CA THR B 92 14.19 -41.44 2.58
C THR B 92 12.68 -41.44 2.79
N ASP B 93 12.23 -42.30 3.70
CA ASP B 93 10.80 -42.53 3.91
C ASP B 93 10.49 -42.63 5.40
N ASN B 94 9.20 -42.53 5.71
CA ASN B 94 8.72 -42.68 7.07
C ASN B 94 8.00 -44.02 7.25
N ARG B 95 8.26 -44.96 6.35
CA ARG B 95 7.53 -46.23 6.34
C ARG B 95 7.73 -47.03 7.62
N ASN B 96 8.87 -46.81 8.28
CA ASN B 96 9.19 -47.52 9.50
C ASN B 96 9.25 -46.59 10.71
N ILE B 97 8.77 -45.36 10.53
CA ILE B 97 8.67 -44.43 11.65
C ILE B 97 7.35 -44.64 12.38
N VAL B 98 7.45 -44.89 13.67
CA VAL B 98 6.27 -45.15 14.48
C VAL B 98 6.13 -44.11 15.58
N ASP B 99 4.89 -43.82 15.92
CA ASP B 99 4.61 -42.86 17.00
C ASP B 99 4.45 -43.62 18.31
N ASP B 100 5.57 -44.05 18.86
CA ASP B 100 5.59 -44.73 20.16
C ASP B 100 5.30 -43.70 21.25
N GLY B 101 5.86 -42.50 21.08
CA GLY B 101 5.80 -41.48 22.10
C GLY B 101 7.05 -41.52 22.95
N LYS B 102 7.93 -42.46 22.64
CA LYS B 102 9.15 -42.68 23.40
C LYS B 102 10.39 -42.36 22.59
N SER B 103 10.31 -41.33 21.76
CA SER B 103 11.42 -41.00 20.87
C SER B 103 12.36 -39.97 21.49
N GLN B 104 11.80 -39.04 22.26
CA GLN B 104 12.62 -38.04 22.93
C GLN B 104 13.01 -38.55 24.31
N LYS B 105 14.31 -38.71 24.52
CA LYS B 105 14.82 -39.36 25.72
C LYS B 105 15.14 -38.38 26.83
N LEU B 106 14.33 -37.34 26.93
CA LEU B 106 14.38 -36.46 28.09
C LEU B 106 12.98 -35.98 28.42
N THR B 107 12.79 -35.67 29.70
CA THR B 107 11.46 -35.55 30.28
C THR B 107 10.93 -34.12 30.20
N GLN B 108 9.62 -34.00 30.42
CA GLN B 108 8.96 -32.71 30.52
C GLN B 108 9.38 -31.95 31.78
N ASP B 109 10.03 -32.65 32.71
CA ASP B 109 10.58 -32.01 33.90
C ASP B 109 12.04 -31.62 33.67
N ASP B 110 12.78 -32.52 33.03
CA ASP B 110 14.16 -32.26 32.67
C ASP B 110 14.24 -30.98 31.88
N ILE B 111 13.22 -30.77 31.05
CA ILE B 111 13.25 -29.70 30.06
C ILE B 111 13.25 -28.32 30.70
N LYS B 112 12.48 -28.17 31.78
CA LYS B 112 12.38 -26.90 32.48
C LYS B 112 13.72 -26.55 33.09
N ALA B 113 14.43 -27.56 33.57
CA ALA B 113 15.73 -27.39 34.20
C ALA B 113 16.65 -26.53 33.33
N LEU B 114 16.64 -26.81 32.03
CA LEU B 114 17.56 -26.18 31.09
C LEU B 114 17.26 -24.70 31.03
N LYS B 115 15.97 -24.36 31.10
CA LYS B 115 15.53 -22.98 31.09
C LYS B 115 15.66 -22.35 32.47
N ASP B 116 15.15 -23.04 33.48
CA ASP B 116 15.33 -22.62 34.87
C ASP B 116 16.82 -22.37 35.14
N LYS B 117 17.68 -23.06 34.41
CA LYS B 117 19.12 -22.88 34.51
C LYS B 117 19.58 -21.73 33.60
N GLY B 118 18.68 -21.30 32.72
CA GLY B 118 18.90 -20.12 31.90
C GLY B 118 19.94 -20.31 30.82
N ILE B 119 20.04 -21.53 30.30
CA ILE B 119 21.00 -21.82 29.24
C ILE B 119 20.55 -21.14 27.95
N LYS B 120 21.49 -21.03 27.00
CA LYS B 120 21.26 -20.28 25.77
C LYS B 120 19.90 -20.54 25.14
N GLY B 121 19.73 -21.74 24.57
CA GLY B 121 18.54 -22.08 23.83
C GLY B 121 18.91 -22.92 22.62
N GLU B 122 19.93 -22.47 21.91
CA GLU B 122 20.50 -23.22 20.79
C GLU B 122 21.01 -24.59 21.25
N GLU B 123 21.44 -24.66 22.50
CA GLU B 123 21.98 -25.90 23.04
C GLU B 123 20.83 -26.79 23.49
N ILE B 124 19.76 -26.16 23.97
CA ILE B 124 18.54 -26.87 24.32
C ILE B 124 18.01 -27.58 23.08
N VAL B 125 18.23 -26.95 21.94
CA VAL B 125 17.82 -27.51 20.65
C VAL B 125 18.73 -28.69 20.32
N GLN B 126 20.02 -28.42 20.31
CA GLN B 126 21.02 -29.43 20.00
C GLN B 126 20.83 -30.64 20.90
N GLN B 127 20.45 -30.38 22.15
CA GLN B 127 20.21 -31.44 23.13
C GLN B 127 18.98 -32.25 22.75
N LEU B 128 17.91 -31.55 22.40
CA LEU B 128 16.66 -32.19 21.99
C LEU B 128 16.86 -33.04 20.76
N ILE B 129 17.68 -32.55 19.84
CA ILE B 129 18.03 -33.30 18.64
C ILE B 129 18.77 -34.56 19.03
N GLU B 130 19.86 -34.38 19.78
CA GLU B 130 20.71 -35.50 20.18
C GLU B 130 19.93 -36.56 20.93
N ASN B 131 18.92 -36.14 21.68
CA ASN B 131 18.10 -37.05 22.45
C ASN B 131 16.87 -37.54 21.70
N SER B 132 16.78 -37.22 20.41
CA SER B 132 15.72 -37.75 19.56
C SER B 132 16.27 -38.94 18.78
N THR B 133 15.70 -40.11 19.04
CA THR B 133 16.16 -41.35 18.42
C THR B 133 15.81 -41.36 16.94
N THR B 134 14.73 -40.66 16.59
CA THR B 134 14.18 -40.71 15.24
C THR B 134 14.78 -39.69 14.30
N PHE B 135 15.38 -38.65 14.86
CA PHE B 135 15.89 -37.54 14.05
C PHE B 135 16.73 -38.03 12.87
N ARG B 136 17.70 -38.88 13.14
CA ARG B 136 18.62 -39.35 12.11
C ARG B 136 17.89 -40.13 11.02
N ASP B 137 16.77 -40.73 11.37
CA ASP B 137 16.00 -41.56 10.42
C ASP B 137 15.01 -40.73 9.63
N LYS B 138 14.89 -39.45 9.97
CA LYS B 138 13.97 -38.56 9.27
C LYS B 138 14.57 -38.02 8.00
N THR B 139 13.70 -37.58 7.11
CA THR B 139 14.14 -36.97 5.86
C THR B 139 14.83 -35.65 6.16
N GLU B 140 15.67 -35.20 5.24
CA GLU B 140 16.37 -33.94 5.38
C GLU B 140 15.37 -32.80 5.61
N PHE B 141 14.26 -32.84 4.88
CA PHE B 141 13.23 -31.81 4.98
C PHE B 141 12.52 -31.88 6.31
N ALA B 142 12.24 -33.11 6.76
CA ALA B 142 11.57 -33.33 8.02
C ALA B 142 12.46 -32.82 9.15
N GLN B 143 13.78 -33.02 8.99
CA GLN B 143 14.75 -32.53 9.95
C GLN B 143 14.76 -31.01 9.99
N ASP B 144 14.91 -30.39 8.83
CA ASP B 144 14.91 -28.93 8.72
C ASP B 144 13.68 -28.37 9.39
N LYS B 145 12.58 -29.10 9.27
CA LYS B 145 11.29 -28.68 9.78
C LYS B 145 11.25 -28.83 11.30
N TYR B 146 11.87 -29.90 11.78
CA TYR B 146 11.93 -30.18 13.21
C TYR B 146 12.70 -29.07 13.92
N ILE B 147 13.84 -28.70 13.34
CA ILE B 147 14.68 -27.64 13.87
C ILE B 147 13.95 -26.30 13.88
N LYS B 148 13.36 -25.94 12.76
CA LYS B 148 12.67 -24.66 12.62
C LYS B 148 11.62 -24.52 13.71
N LYS B 149 10.95 -25.62 14.02
CA LYS B 149 9.90 -25.63 15.04
C LYS B 149 10.49 -25.36 16.43
N LYS B 150 11.69 -25.88 16.67
CA LYS B 150 12.35 -25.74 17.96
C LYS B 150 12.96 -24.36 18.12
N LYS B 151 13.65 -23.90 17.08
CA LYS B 151 14.27 -22.58 17.09
C LYS B 151 13.23 -21.51 17.34
N LYS B 152 12.05 -21.69 16.75
CA LYS B 152 10.99 -20.69 16.84
C LYS B 152 10.54 -20.51 18.29
N LYS B 153 10.77 -21.54 19.10
CA LYS B 153 10.30 -21.54 20.49
C LYS B 153 11.40 -21.22 21.49
N TYR B 154 12.64 -21.57 21.15
CA TYR B 154 13.76 -21.44 22.08
C TYR B 154 14.74 -20.34 21.67
N GLU B 155 14.82 -20.05 20.36
CA GLU B 155 15.70 -19.01 19.86
C GLU B 155 14.91 -17.76 19.51
N ALA B 156 14.38 -17.09 20.53
CA ALA B 156 13.59 -15.88 20.34
C ALA B 156 14.48 -14.72 19.90
N ILE B 157 14.37 -14.35 18.62
CA ILE B 157 15.13 -13.24 18.08
C ILE B 157 14.22 -12.08 17.74
N ILE B 158 14.49 -10.92 18.34
CA ILE B 158 13.67 -9.73 18.10
C ILE B 158 14.39 -8.74 17.20
N THR B 159 13.73 -8.36 16.12
CA THR B 159 14.23 -7.30 15.24
C THR B 159 13.53 -6.00 15.57
N VAL B 160 14.27 -4.90 15.42
CA VAL B 160 13.70 -3.58 15.61
C VAL B 160 13.73 -2.82 14.30
N VAL B 161 12.55 -2.50 13.78
CA VAL B 161 12.44 -1.84 12.50
C VAL B 161 11.78 -0.49 12.61
N LYS B 162 11.87 0.27 11.53
CA LYS B 162 11.33 1.61 11.48
C LYS B 162 9.86 1.55 11.10
N PRO B 163 9.03 2.40 11.72
CA PRO B 163 7.62 2.46 11.37
C PRO B 163 7.43 2.91 9.92
N SER B 164 6.44 2.32 9.26
CA SER B 164 6.09 2.67 7.91
C SER B 164 4.67 2.19 7.72
N THR B 165 4.00 2.67 6.68
CA THR B 165 2.63 2.26 6.41
C THR B 165 2.61 0.76 6.20
N ARG B 166 3.61 0.24 5.48
CA ARG B 166 3.72 -1.19 5.23
C ARG B 166 3.62 -1.97 6.53
N ILE B 167 4.53 -1.65 7.45
CA ILE B 167 4.68 -2.41 8.68
C ILE B 167 3.49 -2.22 9.61
N LEU B 168 3.02 -0.98 9.72
CA LEU B 168 1.92 -0.66 10.63
C LEU B 168 0.59 -1.19 10.11
N SER B 169 0.42 -1.21 8.79
CA SER B 169 -0.82 -1.73 8.22
C SER B 169 -0.87 -3.25 8.37
N ILE B 170 0.28 -3.90 8.25
CA ILE B 170 0.37 -5.34 8.41
C ILE B 170 0.19 -5.72 9.88
N MET B 171 0.78 -4.92 10.76
CA MET B 171 0.67 -5.13 12.20
C MET B 171 -0.79 -5.06 12.64
N TYR B 172 -1.48 -3.99 12.24
CA TYR B 172 -2.85 -3.78 12.67
C TYR B 172 -3.81 -4.85 12.16
N TYR B 173 -3.64 -5.28 10.92
CA TYR B 173 -4.54 -6.29 10.36
C TYR B 173 -4.36 -7.62 11.09
N ALA B 174 -3.17 -7.86 11.62
CA ALA B 174 -2.85 -9.09 12.33
C ALA B 174 -3.18 -8.99 13.82
N ARG B 175 -2.97 -7.82 14.40
CA ARG B 175 -3.04 -7.65 15.85
C ARG B 175 -4.35 -7.04 16.32
N GLU B 176 -4.87 -6.08 15.55
CA GLU B 176 -6.11 -5.38 15.92
C GLU B 176 -6.96 -5.06 14.69
N PRO B 177 -7.34 -6.10 13.93
CA PRO B 177 -8.12 -5.91 12.71
C PRO B 177 -9.48 -5.25 12.94
N GLY B 178 -10.05 -5.42 14.13
CA GLY B 178 -11.34 -4.83 14.43
C GLY B 178 -11.26 -3.32 14.55
N LYS B 179 -10.09 -2.82 14.96
CA LYS B 179 -9.85 -1.39 15.13
C LYS B 179 -9.83 -0.66 13.78
N ILE B 180 -9.58 -1.40 12.71
CA ILE B 180 -9.47 -0.81 11.39
C ILE B 180 -10.49 -1.42 10.43
N ASN B 181 -11.59 -1.94 11.00
CA ASN B 181 -12.69 -2.46 10.20
C ASN B 181 -12.24 -3.54 9.22
N HIS B 182 -11.23 -4.31 9.61
CA HIS B 182 -10.72 -5.42 8.82
C HIS B 182 -10.23 -5.00 7.45
N MET B 183 -9.70 -3.78 7.37
CA MET B 183 -9.06 -3.33 6.14
C MET B 183 -7.70 -3.97 6.02
N ARG B 184 -7.55 -4.87 5.06
CA ARG B 184 -6.28 -5.54 4.84
C ARG B 184 -5.29 -4.55 4.20
N TYR B 185 -4.00 -4.83 4.33
CA TYR B 185 -2.97 -3.89 3.88
C TYR B 185 -2.93 -3.67 2.36
N ASP B 186 -3.24 -4.70 1.59
CA ASP B 186 -3.27 -4.55 0.12
C ASP B 186 -4.43 -3.64 -0.27
N THR B 187 -5.50 -3.68 0.52
CA THR B 187 -6.67 -2.84 0.26
C THR B 187 -6.35 -1.39 0.56
N LEU B 188 -5.61 -1.16 1.63
CA LEU B 188 -5.16 0.18 1.99
C LEU B 188 -4.30 0.76 0.87
N ALA B 189 -3.41 -0.08 0.34
CA ALA B 189 -2.51 0.33 -0.73
C ALA B 189 -3.30 0.79 -1.97
N GLN B 190 -4.36 0.06 -2.31
CA GLN B 190 -5.20 0.42 -3.45
C GLN B 190 -5.85 1.76 -3.25
N MET B 191 -6.27 2.04 -2.03
CA MET B 191 -6.96 3.29 -1.72
C MET B 191 -6.03 4.48 -1.96
N LEU B 192 -4.77 4.32 -1.57
CA LEU B 192 -3.77 5.38 -1.70
C LEU B 192 -3.50 5.67 -3.18
N THR B 193 -3.56 4.63 -3.99
CA THR B 193 -3.25 4.75 -5.41
C THR B 193 -4.46 5.26 -6.18
N LEU B 194 -5.61 4.63 -5.94
CA LEU B 194 -6.84 5.03 -6.61
C LEU B 194 -7.22 6.46 -6.29
N GLY B 195 -6.84 6.93 -5.11
CA GLY B 195 -7.13 8.29 -4.71
C GLY B 195 -6.02 9.25 -5.12
N ASN B 196 -5.03 8.74 -5.85
CA ASN B 196 -3.89 9.55 -6.27
C ASN B 196 -3.39 10.43 -5.13
N ILE B 197 -3.16 9.82 -3.98
CA ILE B 197 -2.60 10.54 -2.84
C ILE B 197 -1.15 10.91 -3.15
N ARG B 198 -0.84 12.20 -3.10
CA ARG B 198 0.50 12.67 -3.37
C ARG B 198 0.72 14.07 -2.81
N ALA B 199 1.97 14.50 -2.83
CA ALA B 199 2.37 15.79 -2.27
C ALA B 199 1.66 16.95 -2.97
N GLY B 200 1.11 17.88 -2.20
CA GLY B 200 0.53 19.08 -2.75
C GLY B 200 -0.99 19.09 -2.70
N ASN B 201 -1.58 17.90 -2.59
CA ASN B 201 -3.03 17.77 -2.59
C ASN B 201 -3.70 18.41 -1.38
N LYS B 202 -4.95 18.80 -1.57
CA LYS B 202 -5.84 19.14 -0.47
C LYS B 202 -6.80 17.97 -0.32
N MET B 203 -6.60 17.15 0.71
CA MET B 203 -7.34 15.90 0.85
C MET B 203 -8.34 15.95 1.99
N ILE B 204 -9.47 15.29 1.79
CA ILE B 204 -10.47 15.13 2.84
C ILE B 204 -10.54 13.66 3.23
N VAL B 205 -10.48 13.39 4.52
CA VAL B 205 -10.58 12.02 4.99
C VAL B 205 -11.54 11.89 6.15
N MET B 206 -12.27 10.78 6.15
CA MET B 206 -13.18 10.45 7.23
C MET B 206 -12.91 8.99 7.62
N GLU B 207 -12.23 8.82 8.74
CA GLU B 207 -11.66 7.52 9.15
C GLU B 207 -12.00 7.17 10.59
N THR B 208 -12.40 5.91 10.84
CA THR B 208 -12.44 5.35 12.20
C THR B 208 -11.56 4.11 12.26
N CYS B 209 -10.35 4.24 11.73
CA CYS B 209 -9.39 3.15 11.64
C CYS B 209 -8.18 3.55 12.46
N ALA B 210 -8.44 4.11 13.64
CA ALA B 210 -7.40 4.44 14.61
C ALA B 210 -6.35 5.43 14.11
N GLY B 211 -6.59 6.06 12.95
CA GLY B 211 -5.64 7.02 12.41
C GLY B 211 -4.62 6.40 11.47
N LEU B 212 -4.83 5.13 11.12
CA LEU B 212 -3.92 4.41 10.24
C LEU B 212 -3.98 4.95 8.81
N VAL B 213 -5.20 5.19 8.34
CA VAL B 213 -5.40 5.71 7.00
C VAL B 213 -4.86 7.12 6.92
N LEU B 214 -5.18 7.92 7.94
CA LEU B 214 -4.66 9.29 8.04
C LEU B 214 -3.14 9.27 7.94
N GLY B 215 -2.50 8.39 8.69
CA GLY B 215 -1.05 8.32 8.72
C GLY B 215 -0.48 7.90 7.38
N ALA B 216 -1.15 6.97 6.72
CA ALA B 216 -0.69 6.47 5.42
C ALA B 216 -0.76 7.60 4.39
N MET B 217 -1.83 8.38 4.44
CA MET B 217 -1.98 9.54 3.57
C MET B 217 -0.88 10.55 3.86
N MET B 218 -0.56 10.73 5.13
CA MET B 218 0.45 11.69 5.54
C MET B 218 1.84 11.26 5.07
N GLU B 219 2.11 9.97 5.08
CA GLU B 219 3.39 9.46 4.60
C GLU B 219 3.57 9.79 3.12
N ARG B 220 2.50 9.63 2.35
CA ARG B 220 2.54 9.81 0.90
C ARG B 220 2.45 11.28 0.48
N MET B 221 2.12 12.16 1.42
CA MET B 221 2.03 13.58 1.11
C MET B 221 3.29 14.32 1.58
N GLY B 222 4.04 13.68 2.47
CA GLY B 222 5.36 14.16 2.84
C GLY B 222 5.41 15.57 3.39
N GLY B 223 4.31 16.03 3.97
CA GLY B 223 4.27 17.36 4.56
C GLY B 223 3.85 18.44 3.58
N PHE B 224 3.66 18.06 2.32
CA PHE B 224 3.20 19.00 1.30
C PHE B 224 1.69 18.92 1.14
N GLY B 225 1.03 20.06 1.30
CA GLY B 225 -0.40 20.14 1.07
C GLY B 225 -1.16 20.19 2.37
N SER B 226 -2.38 19.67 2.36
CA SER B 226 -3.25 19.76 3.52
C SER B 226 -4.18 18.57 3.62
N ILE B 227 -4.52 18.19 4.85
CA ILE B 227 -5.51 17.15 5.09
C ILE B 227 -6.54 17.66 6.06
N ILE B 228 -7.81 17.49 5.70
CA ILE B 228 -8.90 17.86 6.60
C ILE B 228 -9.60 16.59 7.09
N GLN B 229 -9.45 16.32 8.37
CA GLN B 229 -10.01 15.12 8.96
C GLN B 229 -11.36 15.39 9.62
N LEU B 230 -12.40 14.75 9.12
CA LEU B 230 -13.72 14.83 9.75
C LEU B 230 -13.84 13.74 10.79
N TYR B 231 -14.15 14.13 12.02
CA TYR B 231 -14.22 13.17 13.11
C TYR B 231 -15.60 13.14 13.76
N PRO B 232 -16.01 11.95 14.25
CA PRO B 232 -17.20 11.78 15.08
C PRO B 232 -16.86 11.92 16.56
N GLY B 233 -17.87 11.97 17.42
CA GLY B 233 -17.64 12.06 18.85
C GLY B 233 -16.94 13.36 19.24
N GLY B 234 -16.06 13.27 20.23
CA GLY B 234 -15.41 14.45 20.78
C GLY B 234 -14.07 14.75 20.15
N GLY B 235 -13.56 13.83 19.35
CA GLY B 235 -12.30 14.03 18.66
C GLY B 235 -11.90 12.88 17.75
N PRO B 236 -10.88 13.12 16.92
CA PRO B 236 -10.30 12.15 15.99
C PRO B 236 -9.34 11.19 16.68
N VAL B 237 -9.41 9.91 16.33
CA VAL B 237 -8.48 8.92 16.87
C VAL B 237 -7.20 8.92 16.04
N ARG B 238 -6.06 8.98 16.73
CA ARG B 238 -4.77 9.06 16.05
C ARG B 238 -3.71 8.23 16.76
N ALA B 239 -4.15 7.13 17.38
CA ALA B 239 -3.24 6.23 18.07
C ALA B 239 -2.21 5.67 17.10
N ALA B 240 -2.70 5.16 15.97
CA ALA B 240 -1.84 4.58 14.94
C ALA B 240 -0.97 5.66 14.34
N THR B 241 -1.59 6.80 14.06
CA THR B 241 -0.89 7.94 13.46
C THR B 241 0.38 8.26 14.24
N ALA B 242 0.31 8.14 15.56
CA ALA B 242 1.43 8.46 16.43
C ALA B 242 2.59 7.49 16.26
N CYS B 243 2.28 6.26 15.85
CA CYS B 243 3.31 5.23 15.69
C CYS B 243 4.28 5.56 14.56
N PHE B 244 3.85 6.44 13.66
CA PHE B 244 4.63 6.79 12.48
C PHE B 244 5.88 7.62 12.81
N GLY B 245 5.81 8.40 13.88
CA GLY B 245 6.92 9.24 14.27
C GLY B 245 7.13 10.38 13.30
N PHE B 246 6.03 11.04 12.92
CA PHE B 246 6.10 12.18 12.02
C PHE B 246 6.69 13.43 12.67
N PRO B 247 7.40 14.25 11.89
CA PRO B 247 7.88 15.57 12.34
C PRO B 247 6.72 16.51 12.66
N LYS B 248 6.99 17.53 13.46
CA LYS B 248 6.00 18.53 13.81
C LYS B 248 5.54 19.25 12.55
N SER B 249 6.44 19.34 11.58
CA SER B 249 6.18 20.04 10.32
C SER B 249 4.96 19.49 9.58
N PHE B 250 4.63 18.22 9.82
CA PHE B 250 3.50 17.59 9.15
C PHE B 250 2.17 17.99 9.75
N LEU B 251 2.21 18.66 10.90
CA LEU B 251 1.00 19.00 11.64
C LEU B 251 0.40 20.31 11.16
N SER B 252 1.25 21.16 10.58
CA SER B 252 0.82 22.49 10.15
C SER B 252 -0.29 22.39 9.11
N GLY B 253 -0.23 21.36 8.27
CA GLY B 253 -1.20 21.18 7.21
C GLY B 253 -2.35 20.26 7.62
N LEU B 254 -2.30 19.77 8.85
CA LEU B 254 -3.32 18.84 9.33
C LEU B 254 -4.43 19.59 10.06
N TYR B 255 -5.66 19.44 9.56
CA TYR B 255 -6.82 20.09 10.15
C TYR B 255 -7.85 19.06 10.57
N GLU B 256 -8.74 19.46 11.47
CA GLU B 256 -9.81 18.58 11.91
C GLU B 256 -11.10 19.37 12.02
N PHE B 257 -12.22 18.70 11.80
CA PHE B 257 -13.51 19.35 11.84
C PHE B 257 -14.60 18.33 12.19
N PRO B 258 -15.46 18.67 13.16
CA PRO B 258 -16.48 17.72 13.60
C PRO B 258 -17.50 17.39 12.52
N LEU B 259 -17.83 16.11 12.44
CA LEU B 259 -18.70 15.57 11.40
C LEU B 259 -20.15 15.98 11.61
N ASN B 260 -20.50 16.24 12.87
CA ASN B 260 -21.87 16.61 13.25
C ASN B 260 -22.26 18.03 12.84
N LYS B 261 -21.31 18.81 12.35
CA LYS B 261 -21.58 20.18 11.92
C LYS B 261 -21.45 20.32 10.41
N VAL B 262 -21.48 19.19 9.70
CA VAL B 262 -21.29 19.19 8.25
C VAL B 262 -22.52 19.73 7.52
N ASP B 263 -23.70 19.27 7.95
CA ASP B 263 -24.95 19.68 7.34
C ASP B 263 -25.10 21.20 7.40
N SER B 264 -24.73 21.77 8.55
CA SER B 264 -24.79 23.22 8.75
C SER B 264 -23.94 23.93 7.72
N LEU B 265 -22.80 23.32 7.40
CA LEU B 265 -21.80 23.93 6.55
C LEU B 265 -22.24 23.97 5.09
N LEU B 266 -22.87 22.89 4.64
CA LEU B 266 -23.35 22.81 3.27
C LEU B 266 -24.58 23.70 3.06
N HIS B 267 -25.07 24.28 4.15
CA HIS B 267 -26.17 25.23 4.10
C HIS B 267 -25.74 26.61 4.57
N GLY B 268 -24.52 26.70 5.08
CA GLY B 268 -23.93 27.98 5.46
C GLY B 268 -24.33 28.44 6.85
N THR B 269 -25.09 27.61 7.55
CA THR B 269 -25.63 27.98 8.85
C THR B 269 -24.70 27.57 9.98
N PHE B 270 -23.40 27.56 9.71
CA PHE B 270 -22.42 27.17 10.71
C PHE B 270 -21.84 28.38 11.43
N SER B 271 -21.77 28.30 12.75
CA SER B 271 -21.26 29.38 13.58
C SER B 271 -19.78 29.62 13.29
N LYS B 340 -7.63 23.86 39.38
CA LYS B 340 -7.76 25.31 39.51
C LYS B 340 -6.92 26.03 38.46
N ASP B 341 -5.82 25.40 38.05
CA ASP B 341 -4.88 26.02 37.12
C ASP B 341 -5.06 25.50 35.70
N TYR B 342 -5.74 24.37 35.56
CA TYR B 342 -5.93 23.75 34.25
C TYR B 342 -7.24 24.18 33.61
N ILE B 343 -8.15 24.70 34.43
CA ILE B 343 -9.40 25.25 33.90
C ILE B 343 -9.08 26.25 32.79
N GLN B 344 -7.95 26.93 32.94
CA GLN B 344 -7.48 27.86 31.91
C GLN B 344 -6.92 27.08 30.73
N GLU B 345 -6.09 26.09 31.03
CA GLU B 345 -5.54 25.22 29.99
C GLU B 345 -6.67 24.59 29.20
N LYS B 346 -7.80 24.37 29.87
CA LYS B 346 -8.98 23.82 29.20
C LYS B 346 -9.63 24.90 28.34
N GLN B 347 -9.53 26.15 28.77
CA GLN B 347 -10.05 27.27 28.01
C GLN B 347 -9.17 27.56 26.80
N ARG B 348 -7.89 27.22 26.92
CA ARG B 348 -6.93 27.46 25.85
C ARG B 348 -7.17 26.48 24.71
N ARG B 349 -7.29 25.20 25.05
CA ARG B 349 -7.49 24.15 24.07
C ARG B 349 -8.83 24.34 23.38
N GLN B 350 -9.86 24.68 24.15
CA GLN B 350 -11.22 24.80 23.63
C GLN B 350 -11.37 25.94 22.63
N GLU B 351 -10.55 26.97 22.78
CA GLU B 351 -10.61 28.12 21.89
CA GLU B 351 -10.60 28.12 21.89
C GLU B 351 -9.62 27.95 20.74
N GLU B 352 -8.48 27.33 21.03
CA GLU B 352 -7.48 27.04 20.02
C GLU B 352 -7.98 25.91 19.13
N GLN B 353 -8.92 25.14 19.65
CA GLN B 353 -9.58 24.08 18.88
C GLN B 353 -10.71 24.70 18.07
N ARG B 354 -11.41 25.64 18.69
CA ARG B 354 -12.47 26.36 18.01
C ARG B 354 -11.87 27.03 16.79
N LYS B 355 -10.70 27.65 16.99
CA LYS B 355 -10.01 28.36 15.92
C LYS B 355 -9.70 27.42 14.76
N ARG B 356 -8.97 26.36 15.06
CA ARG B 356 -8.54 25.39 14.05
C ARG B 356 -9.74 24.84 13.29
N HIS B 357 -10.89 24.78 13.95
CA HIS B 357 -12.12 24.27 13.34
C HIS B 357 -12.72 25.28 12.36
N LEU B 358 -12.53 26.56 12.64
CA LEU B 358 -13.05 27.61 11.77
C LEU B 358 -12.24 27.67 10.49
N GLU B 359 -10.93 27.55 10.61
CA GLU B 359 -10.05 27.49 9.45
C GLU B 359 -10.50 26.34 8.57
N ALA B 360 -10.63 25.17 9.18
CA ALA B 360 -10.98 23.95 8.47
C ALA B 360 -12.28 24.11 7.70
N ALA B 361 -13.25 24.79 8.31
CA ALA B 361 -14.56 24.96 7.72
C ALA B 361 -14.47 25.88 6.50
N ALA B 362 -13.51 26.80 6.55
CA ALA B 362 -13.27 27.73 5.45
C ALA B 362 -12.75 26.96 4.26
N LEU B 363 -11.71 26.15 4.50
CA LEU B 363 -11.10 25.33 3.48
C LEU B 363 -12.12 24.42 2.81
N LEU B 364 -13.01 23.85 3.61
CA LEU B 364 -14.05 22.96 3.10
C LEU B 364 -15.05 23.73 2.24
N SER B 365 -15.38 24.93 2.69
CA SER B 365 -16.40 25.75 2.01
C SER B 365 -15.97 26.10 0.60
N GLU B 366 -14.66 26.11 0.35
CA GLU B 366 -14.14 26.38 -0.98
C GLU B 366 -14.57 25.31 -1.98
N ARG B 367 -14.91 24.12 -1.48
CA ARG B 367 -15.39 23.03 -2.31
C ARG B 367 -14.46 22.73 -3.47
N ASN B 368 -13.16 22.71 -3.19
CA ASN B 368 -12.14 22.56 -4.22
C ASN B 368 -11.12 21.47 -3.84
N ALA B 369 -11.55 20.50 -3.06
CA ALA B 369 -10.63 19.47 -2.57
C ALA B 369 -10.21 18.53 -3.70
N ASP B 370 -9.01 17.97 -3.57
CA ASP B 370 -8.41 17.14 -4.61
C ASP B 370 -8.73 15.65 -4.46
N GLY B 371 -9.51 15.31 -3.44
CA GLY B 371 -9.88 13.92 -3.24
C GLY B 371 -10.62 13.66 -1.93
N LEU B 372 -11.27 12.51 -1.86
CA LEU B 372 -12.01 12.11 -0.68
C LEU B 372 -11.74 10.64 -0.34
N ILE B 373 -11.40 10.38 0.92
CA ILE B 373 -11.12 9.03 1.39
C ILE B 373 -12.03 8.70 2.58
N VAL B 374 -12.79 7.62 2.47
CA VAL B 374 -13.71 7.23 3.53
C VAL B 374 -13.51 5.77 3.95
N ALA B 375 -13.25 5.57 5.23
CA ALA B 375 -13.08 4.22 5.78
C ALA B 375 -13.53 4.21 7.24
N SER B 376 -14.77 3.80 7.49
CA SER B 376 -15.32 3.87 8.84
C SER B 376 -16.26 2.72 9.15
N ARG B 377 -16.67 2.68 10.42
CA ARG B 377 -17.66 1.73 10.90
C ARG B 377 -19.07 2.22 10.62
N PHE B 378 -19.19 3.43 10.09
CA PHE B 378 -20.51 3.99 9.77
C PHE B 378 -20.92 3.63 8.36
N HIS B 379 -22.22 3.69 8.12
CA HIS B 379 -22.72 3.48 6.76
C HIS B 379 -22.16 4.59 5.87
N PRO B 380 -21.50 4.21 4.77
CA PRO B 380 -20.76 5.08 3.85
C PRO B 380 -21.64 5.94 2.95
N THR B 381 -22.83 5.44 2.63
CA THR B 381 -23.68 6.08 1.62
C THR B 381 -23.97 7.55 1.93
N PRO B 382 -24.48 7.83 3.13
CA PRO B 382 -24.74 9.24 3.49
C PRO B 382 -23.48 10.08 3.61
N LEU B 383 -22.38 9.47 4.07
CA LEU B 383 -21.10 10.16 4.17
C LEU B 383 -20.67 10.69 2.81
N LEU B 384 -20.73 9.82 1.81
CA LEU B 384 -20.34 10.19 0.45
C LEU B 384 -21.21 11.30 -0.09
N LEU B 385 -22.52 11.06 -0.07
CA LEU B 385 -23.49 11.98 -0.66
C LEU B 385 -23.32 13.40 -0.10
N SER B 386 -22.87 13.48 1.14
CA SER B 386 -22.62 14.78 1.76
C SER B 386 -21.22 15.29 1.42
N LEU B 387 -20.21 14.46 1.64
CA LEU B 387 -18.82 14.90 1.61
C LEU B 387 -18.30 15.24 0.21
N LEU B 388 -18.84 14.59 -0.81
CA LEU B 388 -18.41 14.86 -2.18
C LEU B 388 -18.59 16.32 -2.55
N ASP B 389 -19.58 16.97 -1.95
CA ASP B 389 -19.88 18.35 -2.26
C ASP B 389 -18.66 19.25 -1.99
N PHE B 390 -17.75 18.75 -1.16
CA PHE B 390 -16.53 19.49 -0.84
C PHE B 390 -15.41 19.22 -1.85
N VAL B 391 -15.68 18.35 -2.81
CA VAL B 391 -14.64 17.91 -3.72
C VAL B 391 -14.76 18.57 -5.09
N ALA B 392 -13.62 18.90 -5.66
CA ALA B 392 -13.57 19.54 -6.97
C ALA B 392 -13.80 18.51 -8.07
N PRO B 393 -14.19 18.97 -9.26
CA PRO B 393 -14.38 18.12 -10.44
C PRO B 393 -13.07 17.51 -10.94
N SER B 394 -13.17 16.33 -11.55
CA SER B 394 -12.00 15.62 -12.04
C SER B 394 -11.06 15.27 -10.90
N ARG B 395 -11.63 14.81 -9.80
CA ARG B 395 -10.85 14.34 -8.66
C ARG B 395 -11.34 12.97 -8.22
N PRO B 396 -10.41 12.13 -7.75
CA PRO B 396 -10.75 10.76 -7.35
C PRO B 396 -11.26 10.68 -5.92
N PHE B 397 -12.14 9.72 -5.66
CA PHE B 397 -12.60 9.43 -4.32
C PHE B 397 -12.61 7.93 -4.15
N VAL B 398 -12.40 7.47 -2.92
CA VAL B 398 -12.40 6.04 -2.64
C VAL B 398 -13.13 5.77 -1.34
N VAL B 399 -14.06 4.82 -1.38
CA VAL B 399 -14.81 4.45 -0.19
C VAL B 399 -14.56 3.01 0.15
N TYR B 400 -14.14 2.77 1.39
CA TYR B 400 -13.94 1.42 1.88
C TYR B 400 -15.19 0.97 2.64
N CYS B 401 -15.46 -0.34 2.57
CA CYS B 401 -16.47 -0.95 3.41
C CYS B 401 -16.14 -2.42 3.60
N GLN B 402 -16.20 -2.86 4.84
CA GLN B 402 -15.96 -4.25 5.17
C GLN B 402 -16.99 -5.15 4.50
N TYR B 403 -18.13 -4.58 4.15
CA TYR B 403 -19.22 -5.34 3.54
C TYR B 403 -19.55 -4.78 2.16
N LYS B 404 -20.07 -5.65 1.30
CA LYS B 404 -20.31 -5.27 -0.09
C LYS B 404 -21.66 -4.58 -0.28
N GLU B 405 -22.67 -5.07 0.43
CA GLU B 405 -24.05 -4.65 0.20
C GLU B 405 -24.22 -3.13 0.30
N PRO B 406 -23.64 -2.51 1.33
CA PRO B 406 -23.70 -1.04 1.50
C PRO B 406 -23.12 -0.27 0.31
N LEU B 407 -22.11 -0.84 -0.35
CA LEU B 407 -21.47 -0.16 -1.48
C LEU B 407 -22.31 -0.30 -2.74
N LEU B 408 -23.15 -1.33 -2.78
CA LEU B 408 -24.09 -1.50 -3.88
C LEU B 408 -25.15 -0.40 -3.88
N GLU B 409 -25.61 -0.03 -2.69
CA GLU B 409 -26.60 1.02 -2.54
C GLU B 409 -25.97 2.35 -2.90
N CYS B 410 -24.76 2.57 -2.39
CA CYS B 410 -24.03 3.80 -2.60
C CYS B 410 -23.74 4.00 -4.07
N TYR B 411 -23.49 2.90 -4.77
CA TYR B 411 -23.24 2.94 -6.20
C TYR B 411 -24.48 3.46 -6.92
N THR B 412 -25.62 2.87 -6.58
CA THR B 412 -26.90 3.23 -7.19
C THR B 412 -27.26 4.69 -6.87
N LYS B 413 -27.03 5.10 -5.62
CA LYS B 413 -27.37 6.45 -5.18
C LYS B 413 -26.51 7.52 -5.85
N LEU B 414 -25.23 7.21 -6.05
CA LEU B 414 -24.33 8.12 -6.72
C LEU B 414 -24.75 8.26 -8.18
N ARG B 415 -25.39 7.22 -8.68
CA ARG B 415 -25.82 7.17 -10.07
C ARG B 415 -27.08 8.01 -10.27
N GLU B 416 -27.84 8.20 -9.20
CA GLU B 416 -29.02 9.06 -9.23
C GLU B 416 -28.58 10.50 -9.11
N ARG B 417 -27.71 10.75 -8.13
CA ARG B 417 -27.20 12.08 -7.85
C ARG B 417 -26.44 12.65 -9.03
N GLY B 418 -25.69 11.79 -9.71
CA GLY B 418 -24.80 12.24 -10.77
C GLY B 418 -23.56 12.88 -10.18
N GLY B 419 -22.75 13.48 -11.03
CA GLY B 419 -21.56 14.19 -10.58
C GLY B 419 -20.36 13.27 -10.40
N VAL B 420 -20.45 12.07 -10.96
CA VAL B 420 -19.37 11.09 -10.86
C VAL B 420 -19.24 10.31 -12.15
N ILE B 421 -18.08 9.69 -12.34
CA ILE B 421 -17.85 8.88 -13.52
C ILE B 421 -16.85 7.77 -13.25
N ASN B 422 -16.85 6.75 -14.11
CA ASN B 422 -15.97 5.60 -13.95
C ASN B 422 -16.10 4.98 -12.57
N LEU B 423 -17.33 4.76 -12.13
CA LEU B 423 -17.58 4.06 -10.87
C LEU B 423 -17.08 2.63 -10.96
N ARG B 424 -16.41 2.19 -9.91
CA ARG B 424 -15.79 0.88 -9.89
C ARG B 424 -15.94 0.28 -8.50
N LEU B 425 -16.63 -0.85 -8.42
CA LEU B 425 -16.72 -1.60 -7.18
C LEU B 425 -15.70 -2.72 -7.26
N SER B 426 -14.75 -2.75 -6.32
CA SER B 426 -13.62 -3.66 -6.42
C SER B 426 -13.29 -4.34 -5.10
N GLU B 427 -12.50 -5.39 -5.22
CA GLU B 427 -11.97 -6.12 -4.08
C GLU B 427 -10.62 -6.68 -4.51
N THR B 428 -9.70 -6.85 -3.57
CA THR B 428 -8.44 -7.50 -3.89
C THR B 428 -8.27 -8.77 -3.06
N TRP B 429 -7.79 -9.82 -3.73
CA TRP B 429 -7.41 -11.06 -3.06
C TRP B 429 -5.90 -11.13 -2.98
N LEU B 430 -5.40 -11.60 -1.85
CA LEU B 430 -3.98 -11.61 -1.61
C LEU B 430 -3.51 -13.02 -1.30
N ARG B 431 -2.46 -13.46 -1.97
CA ARG B 431 -1.91 -14.77 -1.69
C ARG B 431 -0.42 -14.67 -1.41
N ASN B 432 0.02 -15.28 -0.33
CA ASN B 432 1.43 -15.31 0.00
C ASN B 432 2.01 -16.69 -0.24
N TYR B 433 3.33 -16.75 -0.43
CA TYR B 433 3.97 -17.98 -0.86
C TYR B 433 5.15 -18.37 0.01
N GLN B 434 5.33 -19.67 0.17
CA GLN B 434 6.53 -20.23 0.75
C GLN B 434 7.43 -20.56 -0.43
N VAL B 435 8.61 -19.97 -0.47
CA VAL B 435 9.56 -20.24 -1.54
C VAL B 435 10.83 -20.83 -0.96
N LEU B 436 10.93 -22.14 -1.04
CA LEU B 436 12.10 -22.88 -0.60
C LEU B 436 12.45 -23.95 -1.62
N PRO B 437 13.72 -24.33 -1.68
CA PRO B 437 14.16 -25.37 -2.63
C PRO B 437 13.35 -26.66 -2.48
N ASP B 438 12.65 -27.05 -3.54
CA ASP B 438 11.85 -28.28 -3.54
C ASP B 438 10.65 -28.24 -2.60
N ARG B 439 10.37 -27.07 -2.02
CA ARG B 439 9.28 -26.92 -1.07
C ARG B 439 8.49 -25.62 -1.29
N SER B 440 8.15 -25.35 -2.54
CA SER B 440 7.48 -24.10 -2.88
C SER B 440 5.97 -24.30 -3.02
N HIS B 441 5.21 -23.46 -2.34
CA HIS B 441 3.76 -23.47 -2.50
C HIS B 441 3.13 -22.26 -1.83
N PRO B 442 1.86 -21.98 -2.19
CA PRO B 442 1.08 -20.92 -1.55
C PRO B 442 0.83 -21.28 -0.11
N LYS B 443 0.67 -20.28 0.74
CA LYS B 443 0.24 -20.52 2.10
C LYS B 443 -1.23 -20.14 2.21
N LEU B 444 -1.51 -18.85 2.30
CA LEU B 444 -2.88 -18.38 2.53
C LEU B 444 -3.40 -17.51 1.40
N LEU B 445 -4.69 -17.67 1.11
CA LEU B 445 -5.39 -16.80 0.19
C LEU B 445 -6.34 -15.94 1.00
N MET B 446 -6.00 -14.66 1.15
CA MET B 446 -6.80 -13.74 1.93
C MET B 446 -7.87 -13.16 1.03
N SER B 447 -9.13 -13.39 1.39
CA SER B 447 -10.26 -12.96 0.57
C SER B 447 -11.50 -12.78 1.42
N GLY B 448 -12.31 -11.79 1.06
CA GLY B 448 -13.59 -11.56 1.70
C GLY B 448 -13.51 -10.77 2.99
N GLY B 449 -12.40 -10.91 3.72
CA GLY B 449 -12.23 -10.19 4.96
C GLY B 449 -11.15 -9.13 4.87
N GLY B 450 -10.83 -8.74 3.64
CA GLY B 450 -9.90 -7.67 3.39
C GLY B 450 -10.65 -6.39 3.04
N GLY B 451 -11.90 -6.57 2.61
CA GLY B 451 -12.80 -5.44 2.42
C GLY B 451 -13.07 -5.14 0.97
N TYR B 452 -13.89 -4.13 0.74
CA TYR B 452 -14.33 -3.75 -0.59
C TYR B 452 -14.11 -2.27 -0.81
N LEU B 453 -13.99 -1.87 -2.08
CA LEU B 453 -13.75 -0.48 -2.41
C LEU B 453 -14.68 -0.01 -3.50
N LEU B 454 -15.20 1.20 -3.34
CA LEU B 454 -15.97 1.85 -4.38
C LEU B 454 -15.22 3.11 -4.76
N SER B 455 -14.85 3.23 -6.03
CA SER B 455 -13.98 4.32 -6.47
C SER B 455 -14.54 4.97 -7.72
N GLY B 456 -14.17 6.22 -7.94
CA GLY B 456 -14.51 6.91 -9.17
C GLY B 456 -13.93 8.32 -9.21
N PHE B 457 -14.30 9.06 -10.24
CA PHE B 457 -13.87 10.45 -10.37
C PHE B 457 -15.06 11.38 -10.36
N THR B 458 -14.88 12.54 -9.76
CA THR B 458 -15.91 13.57 -9.79
C THR B 458 -15.95 14.21 -11.16
N VAL B 459 -17.10 14.78 -11.48
CA VAL B 459 -17.27 15.55 -12.70
C VAL B 459 -18.23 16.70 -12.41
N ALA B 460 -18.34 17.61 -13.37
CA ALA B 460 -19.20 18.76 -13.21
C ALA B 460 -20.66 18.35 -13.36
N MET B 461 -21.54 19.07 -12.67
CA MET B 461 -22.97 18.77 -12.68
C MET B 461 -23.63 19.46 -13.86
N ASP B 462 -24.76 18.92 -14.29
CA ASP B 462 -25.52 19.50 -15.39
C ASP B 462 -26.33 20.69 -14.91
N ASN B 463 -26.27 21.79 -15.65
CA ASN B 463 -27.03 23.00 -15.33
C ASN B 463 -27.12 23.94 -16.53
P 1MA C 59 5.79 -28.49 3.84
P 1MA C 59 5.93 -28.44 3.84
OP1 1MA C 59 5.49 -27.23 3.18
OP1 1MA C 59 5.60 -27.20 3.15
OP2 1MA C 59 6.82 -28.53 4.96
OP2 1MA C 59 7.09 -28.45 4.83
O5' 1MA C 59 4.44 -29.09 4.44
O5' 1MA C 59 4.64 -28.98 4.60
C5' 1MA C 59 3.39 -29.54 3.59
C5' 1MA C 59 3.53 -29.49 3.87
C4' 1MA C 59 2.18 -28.64 3.72
C4' 1MA C 59 2.33 -28.58 4.00
O4' 1MA C 59 1.16 -29.07 2.78
O4' 1MA C 59 1.42 -28.83 2.91
C3' 1MA C 59 1.46 -28.68 5.05
C3' 1MA C 59 1.48 -28.78 5.24
O3' 1MA C 59 2.13 -27.95 6.06
O3' 1MA C 59 2.02 -28.13 6.38
C2' 1MA C 59 0.08 -28.13 4.69
C2' 1MA C 59 0.13 -28.23 4.82
O2' 1MA C 59 0.08 -26.72 4.70
O2' 1MA C 59 0.09 -26.81 4.91
C1' 1MA C 59 -0.10 -28.62 3.25
C1' 1MA C 59 0.09 -28.62 3.33
N9 1MA C 59 -1.08 -29.73 3.15
N9 1MA C 59 -0.71 -29.84 3.11
C8 1MA C 59 -2.43 -29.62 3.27
C8 1MA C 59 -0.28 -31.05 2.63
N7 1MA C 59 -3.05 -30.76 3.14
N7 1MA C 59 -1.25 -31.94 2.55
C5 1MA C 59 -2.04 -31.67 2.92
C5 1MA C 59 -2.37 -31.25 2.99
C6 1MA C 59 -2.05 -33.05 2.70
C6 1MA C 59 -3.72 -31.61 3.16
N6 1MA C 59 -3.19 -33.76 2.67
N6 1MA C 59 -4.15 -32.83 2.86
N1 1MA C 59 -0.86 -33.68 2.51
N1 1MA C 59 -4.57 -30.67 3.65
CM1 1MA C 59 -0.84 -35.12 2.28
CM1 1MA C 59 -5.98 -31.02 3.82
C2 1MA C 59 0.32 -32.97 2.53
C2 1MA C 59 -4.14 -29.41 3.95
N3 1MA C 59 0.33 -31.67 2.73
N3 1MA C 59 -2.88 -29.07 3.81
C4 1MA C 59 -0.83 -31.05 2.92
C4 1MA C 59 -2.03 -29.99 3.33
H5' 1MA C 59 3.15 -30.43 3.82
H5' 1MA C 59 3.31 -30.35 4.21
H5'' 1MA C 59 3.72 -29.51 2.65
H5'' 1MA C 59 3.78 -29.58 2.92
H4' 1MA C 59 2.44 -27.73 3.52
H4' 1MA C 59 2.63 -27.65 3.96
H3' 1MA C 59 1.37 -29.65 5.34
H3' 1MA C 59 1.39 -29.76 5.43
H2' 1MA C 59 -0.61 -28.50 5.27
H2' 1MA C 59 -0.60 -28.64 5.30
HO2' 1MA C 59 0.48 -26.43 5.44
HO2' 1MA C 59 0.73 -26.54 5.46
H1' 1MA C 59 -0.41 -27.87 2.69
H1' 1MA C 59 -0.30 -27.88 2.82
H8 1MA C 59 -2.88 -28.78 3.44
H8 1MA C 59 0.64 -31.24 2.37
HM11 1MA C 59 0.09 -35.45 2.30
HM11 1MA C 59 -6.51 -30.21 4.05
HM12 1MA C 59 -1.24 -35.32 1.40
HM12 1MA C 59 -6.07 -31.68 4.55
HM13 1MA C 59 -1.36 -35.59 3.00
HM13 1MA C 59 -6.34 -31.42 2.98
H2 1MA C 59 1.17 -33.46 2.38
H2 1MA C 59 -4.79 -28.75 4.31
N SAH D . 7.10 -2.64 -15.80
CA SAH D . 7.13 -1.93 -17.08
CB SAH D . 7.20 -2.91 -18.25
CG SAH D . 8.42 -3.82 -18.23
SD SAH D . 8.60 -4.78 -19.77
C SAH D . 5.92 -1.04 -17.25
O SAH D . 4.98 -1.10 -16.44
OXT SAH D . 5.85 -0.25 -18.19
C5' SAH D . 10.29 -5.28 -19.34
C4' SAH D . 11.31 -4.33 -19.94
O4' SAH D . 12.60 -4.58 -19.40
C3' SAH D . 11.44 -4.49 -21.46
O3' SAH D . 11.19 -3.26 -22.09
C2' SAH D . 12.88 -4.90 -21.70
O2' SAH D . 13.43 -4.26 -22.82
C1' SAH D . 13.58 -4.50 -20.41
N9 SAH D . 14.73 -5.34 -20.05
C8 SAH D . 14.81 -6.71 -20.04
N7 SAH D . 16.05 -7.06 -19.63
C5 SAH D . 16.75 -5.93 -19.37
C6 SAH D . 18.04 -5.72 -18.92
N6 SAH D . 18.86 -6.74 -18.66
N1 SAH D . 18.48 -4.43 -18.75
C2 SAH D . 17.65 -3.37 -19.01
N3 SAH D . 16.37 -3.59 -19.45
C4 SAH D . 15.93 -4.86 -19.62
H2 SAH D . 18.01 -2.35 -18.87
HN1 SAH D . 7.18 -3.49 -15.88
HN2 SAH D . 7.54 -2.25 -15.17
HA SAH D . 7.93 -1.37 -17.11
HB1 SAH D . 7.19 -2.34 -19.18
HB2 SAH D . 6.30 -3.52 -18.24
HG1 SAH D . 8.35 -4.51 -17.39
HG2 SAH D . 9.31 -3.21 -18.09
H5'1 SAH D . 10.47 -6.29 -19.70
H5'2 SAH D . 10.40 -5.29 -18.26
H4' SAH D . 11.01 -3.31 -19.73
H3' SAH D . 10.76 -5.27 -21.81
HO3' SAH D . 11.99 -2.95 -22.55
H2' SAH D . 12.93 -5.99 -21.81
HO2' SAH D . 14.15 -3.67 -22.53
H1' SAH D . 13.90 -3.46 -20.52
H8 SAH D . 14.01 -7.40 -20.32
HN61 SAH D . 18.53 -7.69 -18.79
HN62 SAH D . 19.80 -6.58 -18.33
NA NA E . -6.35 -14.89 30.19
#